data_8Q82
#
_entry.id   8Q82
#
_cell.length_a   70.013
_cell.length_b   82.859
_cell.length_c   70.300
_cell.angle_alpha   90.000
_cell.angle_beta   105.357
_cell.angle_gamma   90.000
#
_symmetry.space_group_name_H-M   'P 1 21 1'
#
loop_
_entity.id
_entity.type
_entity.pdbx_description
1 polymer 'Photorhabdus luminescens subsp. laumondii TTO1 complete genome segment 3/17'
2 non-polymer 'methyl alpha-L-fucopyranoside'
3 non-polymer 'CHLORIDE ION'
4 non-polymer 'MAGNESIUM ION'
5 water water
#
_entity_poly.entity_id   1
_entity_poly.type   'polypeptide(L)'
_entity_poly.pdbx_seq_one_letter_code
;MQQESINTSNPDNTESYVKKDEVEIESTATGLSEIVSVANTSDGRLEVFGVGSDHAVWHNWQLTPYSNSPWSGWLSLNGN
VTSKPAVYVNTDDRLEVFVRGSDNALWHNWQIAPNLGWSGWQSLGGSIASNPAVYVNTDGRLEVFVRGSDNALWHLSQTA
AHSNPWSSWQSLNGNIIGNPAVHINSDGRLEVFVRGSDNALWHISQTAPDSNLWSNWESLNGSISSDPAVIGTVDGRLEV
FVRGSDNALWHNWQTVPHSGPWSGWVSLNGNIISAPTVARNWDNRLEVFVCGADNALWHIWQTVSHSGPWSSWASLNGNI
ISAPTVAQDADGLLEVFVLGSDHALWNIRQTTSPSWSPWLSLNGSLIST
;
_entity_poly.pdbx_strand_id   A,B
#
# COMPACT_ATOMS: atom_id res chain seq x y z
N GLY A 31 24.08 16.85 12.18
CA GLY A 31 23.47 15.70 12.87
C GLY A 31 23.84 14.40 12.18
N LEU A 32 23.77 13.29 12.92
CA LEU A 32 23.97 11.96 12.35
C LEU A 32 22.86 11.64 11.35
N SER A 33 23.18 10.80 10.35
CA SER A 33 22.26 10.35 9.31
C SER A 33 21.96 8.84 9.43
N GLU A 34 20.85 8.43 8.79
CA GLU A 34 20.56 7.01 8.59
C GLU A 34 21.73 6.40 7.83
N ILE A 35 22.11 5.13 8.19
CA ILE A 35 23.27 4.40 7.66
C ILE A 35 22.83 3.06 7.05
N VAL A 36 21.54 2.74 7.11
CA VAL A 36 21.01 1.64 6.31
C VAL A 36 19.71 2.04 5.65
N SER A 37 19.28 1.24 4.68
CA SER A 37 17.88 1.22 4.37
C SER A 37 17.36 -0.21 4.58
N VAL A 38 16.06 -0.28 4.87
CA VAL A 38 15.37 -1.55 5.03
C VAL A 38 14.32 -1.53 3.96
N ALA A 39 14.10 -2.66 3.31
CA ALA A 39 12.93 -2.79 2.48
C ALA A 39 12.14 -4.02 2.94
N ASN A 40 10.85 -4.00 2.62
CA ASN A 40 9.95 -5.13 2.77
C ASN A 40 9.92 -5.87 1.44
N THR A 41 10.49 -7.07 1.37
CA THR A 41 10.34 -7.93 0.20
C THR A 41 8.87 -8.24 -0.07
N SER A 42 8.51 -8.66 -1.29
CA SER A 42 7.11 -8.84 -1.61
C SER A 42 6.57 -10.13 -1.02
N ASP A 43 7.46 -10.99 -0.53
CA ASP A 43 7.01 -12.14 0.26
C ASP A 43 7.26 -11.90 1.75
N GLY A 44 7.36 -10.63 2.17
CA GLY A 44 7.03 -10.22 3.52
C GLY A 44 8.20 -10.25 4.49
N ARG A 45 9.41 -10.33 3.96
CA ARG A 45 10.60 -10.41 4.79
C ARG A 45 11.38 -9.10 4.68
N LEU A 46 11.97 -8.67 5.81
CA LEU A 46 12.75 -7.45 5.82
C LEU A 46 14.15 -7.76 5.30
N GLU A 47 14.69 -6.80 4.53
CA GLU A 47 16.03 -6.92 3.98
C GLU A 47 16.77 -5.60 4.19
N VAL A 48 17.99 -5.68 4.76
CA VAL A 48 18.73 -4.51 5.21
C VAL A 48 19.99 -4.39 4.34
N PHE A 49 20.31 -3.15 3.97
CA PHE A 49 21.43 -2.84 3.11
C PHE A 49 22.32 -1.84 3.83
N GLY A 50 23.63 -2.07 3.81
CA GLY A 50 24.58 -1.24 4.52
C GLY A 50 25.88 -1.12 3.72
N VAL A 51 26.72 -0.17 4.13
CA VAL A 51 28.06 -0.07 3.55
C VAL A 51 29.01 -0.79 4.49
N GLY A 52 29.72 -1.79 3.98
CA GLY A 52 30.69 -2.51 4.77
C GLY A 52 32.02 -1.77 4.90
N SER A 53 32.85 -2.30 5.81
CA SER A 53 34.19 -1.76 6.04
C SER A 53 35.06 -1.84 4.79
N ASP A 54 34.68 -2.64 3.80
CA ASP A 54 35.38 -2.73 2.51
C ASP A 54 34.78 -1.81 1.42
N HIS A 55 33.83 -0.93 1.78
CA HIS A 55 33.13 -0.02 0.88
C HIS A 55 32.26 -0.74 -0.15
N ALA A 56 31.95 -2.03 0.07
CA ALA A 56 30.97 -2.70 -0.76
C ALA A 56 29.60 -2.51 -0.13
N VAL A 57 28.55 -2.67 -0.95
CA VAL A 57 27.22 -2.81 -0.40
C VAL A 57 27.05 -4.25 0.09
N TRP A 58 26.61 -4.39 1.34
CA TRP A 58 26.23 -5.69 1.89
C TRP A 58 24.75 -5.70 2.29
N HIS A 59 24.17 -6.90 2.32
CA HIS A 59 22.79 -7.06 2.70
C HIS A 59 22.60 -8.32 3.56
N ASN A 60 21.44 -8.33 4.21
CA ASN A 60 21.08 -9.30 5.22
C ASN A 60 19.56 -9.29 5.30
N TRP A 61 18.93 -10.47 5.40
CA TRP A 61 17.49 -10.52 5.34
C TRP A 61 16.94 -11.52 6.34
N GLN A 62 15.70 -11.29 6.81
CA GLN A 62 14.98 -12.30 7.58
C GLN A 62 14.83 -13.54 6.71
N LEU A 63 15.02 -14.72 7.29
CA LEU A 63 14.79 -15.96 6.55
C LEU A 63 13.28 -16.25 6.45
N THR A 64 12.47 -15.80 7.43
CA THR A 64 11.03 -16.04 7.39
C THR A 64 10.29 -14.71 7.56
N PRO A 65 9.03 -14.56 7.06
CA PRO A 65 8.23 -13.35 7.32
C PRO A 65 7.59 -13.16 8.70
N TYR A 66 8.42 -13.01 9.76
CA TYR A 66 7.90 -12.83 11.11
C TYR A 66 8.83 -11.94 11.95
N SER A 67 8.24 -11.25 12.92
CA SER A 67 8.93 -10.34 13.85
C SER A 67 10.19 -10.97 14.47
N ASN A 68 10.11 -12.20 14.99
CA ASN A 68 11.25 -12.79 15.71
C ASN A 68 12.13 -13.63 14.78
N SER A 69 12.13 -13.33 13.47
CA SER A 69 12.68 -14.27 12.50
C SER A 69 14.21 -14.33 12.62
N PRO A 70 14.85 -15.51 12.43
CA PRO A 70 16.30 -15.57 12.22
C PRO A 70 16.69 -14.92 10.89
N TRP A 71 17.99 -14.60 10.74
CA TRP A 71 18.48 -13.88 9.57
C TRP A 71 19.48 -14.73 8.79
N SER A 72 19.64 -14.41 7.52
CA SER A 72 20.66 -14.96 6.64
C SER A 72 22.10 -14.70 7.09
N GLY A 73 22.37 -13.65 7.87
CA GLY A 73 23.73 -13.15 7.94
C GLY A 73 24.10 -12.32 6.71
N TRP A 74 25.39 -11.92 6.59
CA TRP A 74 25.78 -10.86 5.67
C TRP A 74 26.32 -11.43 4.34
N LEU A 75 25.84 -10.86 3.23
CA LEU A 75 26.25 -11.23 1.88
C LEU A 75 26.61 -9.96 1.12
N SER A 76 27.67 -10.02 0.31
CA SER A 76 28.12 -8.82 -0.39
C SER A 76 27.44 -8.72 -1.74
N LEU A 77 27.14 -7.48 -2.13
CA LEU A 77 26.69 -7.18 -3.47
C LEU A 77 27.80 -6.44 -4.22
N ASN A 78 28.99 -6.40 -3.62
CA ASN A 78 30.15 -5.76 -4.25
C ASN A 78 29.87 -4.27 -4.44
N GLY A 79 30.50 -3.66 -5.46
CA GLY A 79 30.49 -2.22 -5.58
C GLY A 79 31.61 -1.57 -4.78
N ASN A 80 31.84 -0.27 -5.04
CA ASN A 80 32.78 0.52 -4.28
C ASN A 80 32.08 1.86 -4.10
N VAL A 81 31.59 2.12 -2.87
CA VAL A 81 30.56 3.13 -2.68
C VAL A 81 30.99 4.10 -1.60
N THR A 82 30.44 5.32 -1.65
CA THR A 82 30.78 6.35 -0.69
C THR A 82 29.53 7.06 -0.12
N SER A 83 28.32 6.46 -0.26
CA SER A 83 27.14 6.92 0.46
C SER A 83 26.37 5.76 1.10
N LYS A 84 25.37 6.12 1.93
CA LYS A 84 24.31 5.19 2.32
C LYS A 84 23.67 4.62 1.05
N PRO A 85 23.31 3.32 1.01
CA PRO A 85 22.54 2.76 -0.08
C PRO A 85 21.08 3.05 0.22
N ALA A 86 20.31 3.38 -0.82
CA ALA A 86 18.88 3.65 -0.72
C ALA A 86 18.16 2.60 -1.54
N VAL A 87 17.30 1.81 -0.90
CA VAL A 87 16.64 0.71 -1.57
C VAL A 87 15.18 1.07 -1.83
N TYR A 88 14.62 0.60 -2.96
CA TYR A 88 13.19 0.75 -3.18
C TYR A 88 12.69 -0.53 -3.86
N VAL A 89 11.40 -0.81 -3.70
CA VAL A 89 10.79 -1.96 -4.36
C VAL A 89 10.07 -1.45 -5.60
N ASN A 90 10.44 -1.98 -6.75
CA ASN A 90 9.75 -1.70 -8.01
C ASN A 90 8.31 -2.23 -7.96
N THR A 91 7.42 -1.71 -8.82
CA THR A 91 6.02 -2.14 -8.79
C THR A 91 5.87 -3.59 -9.25
N ASP A 92 6.88 -4.15 -9.95
CA ASP A 92 6.96 -5.60 -10.21
C ASP A 92 7.74 -6.37 -9.14
N ASP A 93 7.93 -5.78 -7.96
CA ASP A 93 8.36 -6.42 -6.73
C ASP A 93 9.85 -6.77 -6.73
N ARG A 94 10.63 -6.25 -7.67
CA ARG A 94 12.10 -6.40 -7.61
C ARG A 94 12.69 -5.25 -6.79
N LEU A 95 13.55 -5.59 -5.80
CA LEU A 95 14.32 -4.59 -5.09
C LEU A 95 15.35 -3.95 -6.02
N GLU A 96 15.61 -2.66 -5.80
CA GLU A 96 16.63 -1.88 -6.50
C GLU A 96 17.33 -0.96 -5.49
N VAL A 97 18.67 -0.91 -5.57
N VAL A 97 18.68 -0.97 -5.49
CA VAL A 97 19.51 -0.20 -4.61
CA VAL A 97 19.46 -0.17 -4.56
C VAL A 97 20.29 0.86 -5.38
C VAL A 97 20.27 0.85 -5.35
N PHE A 98 20.32 2.08 -4.81
CA PHE A 98 20.94 3.25 -5.42
C PHE A 98 21.99 3.76 -4.45
N VAL A 99 23.18 4.07 -4.98
CA VAL A 99 24.28 4.50 -4.14
C VAL A 99 25.19 5.45 -4.94
N ARG A 100 25.89 6.30 -4.21
CA ARG A 100 26.98 7.08 -4.77
C ARG A 100 28.24 6.20 -4.86
N GLY A 101 28.77 6.08 -6.07
CA GLY A 101 30.02 5.35 -6.29
C GLY A 101 31.23 6.18 -5.89
N SER A 102 32.42 5.54 -5.79
CA SER A 102 33.56 6.35 -5.44
C SER A 102 33.97 7.27 -6.60
N ASP A 103 33.47 7.09 -7.83
CA ASP A 103 33.60 8.06 -8.91
C ASP A 103 32.56 9.18 -8.85
N ASN A 104 31.74 9.21 -7.77
CA ASN A 104 30.73 10.22 -7.52
C ASN A 104 29.55 10.15 -8.48
N ALA A 105 29.45 9.10 -9.29
CA ALA A 105 28.27 8.87 -10.09
C ALA A 105 27.23 8.18 -9.22
N LEU A 106 25.97 8.25 -9.65
CA LEU A 106 24.93 7.41 -9.07
C LEU A 106 25.00 6.02 -9.71
N TRP A 107 25.05 4.97 -8.89
CA TRP A 107 24.98 3.60 -9.35
C TRP A 107 23.72 2.90 -8.85
N HIS A 108 23.24 1.92 -9.63
CA HIS A 108 22.13 1.08 -9.19
C HIS A 108 22.40 -0.39 -9.50
N ASN A 109 21.71 -1.25 -8.73
CA ASN A 109 21.77 -2.70 -8.82
C ASN A 109 20.36 -3.23 -8.52
N TRP A 110 19.84 -4.18 -9.32
CA TRP A 110 18.46 -4.65 -9.16
C TRP A 110 18.40 -6.18 -9.14
N GLN A 111 17.35 -6.71 -8.50
CA GLN A 111 16.99 -8.12 -8.62
C GLN A 111 16.53 -8.37 -10.05
N ILE A 112 16.78 -9.59 -10.55
CA ILE A 112 16.41 -9.92 -11.91
C ILE A 112 14.97 -10.42 -11.93
N ALA A 113 14.55 -11.03 -10.82
CA ALA A 113 13.15 -11.38 -10.56
C ALA A 113 12.88 -11.17 -9.08
N PRO A 114 11.62 -11.01 -8.63
CA PRO A 114 11.34 -10.71 -7.22
C PRO A 114 12.06 -11.66 -6.27
N ASN A 115 12.90 -11.11 -5.38
CA ASN A 115 13.49 -11.88 -4.28
C ASN A 115 14.53 -12.88 -4.76
N LEU A 116 14.93 -12.79 -6.05
CA LEU A 116 15.88 -13.70 -6.66
C LEU A 116 17.19 -12.95 -6.94
N GLY A 117 17.98 -13.34 -7.97
CA GLY A 117 19.36 -12.91 -8.14
C GLY A 117 19.51 -11.45 -8.57
N TRP A 118 20.75 -10.91 -8.55
CA TRP A 118 21.00 -9.48 -8.76
C TRP A 118 21.72 -9.19 -10.08
N SER A 119 21.47 -7.99 -10.62
CA SER A 119 21.92 -7.55 -11.93
C SER A 119 23.43 -7.26 -11.97
N GLY A 120 24.04 -6.89 -10.85
CA GLY A 120 25.30 -6.16 -10.94
C GLY A 120 25.11 -4.65 -11.24
N TRP A 121 26.20 -3.92 -10.99
CA TRP A 121 26.18 -2.47 -10.81
C TRP A 121 26.13 -1.81 -12.17
N GLN A 122 25.26 -0.81 -12.34
CA GLN A 122 25.25 -0.06 -13.59
C GLN A 122 25.26 1.40 -13.20
N SER A 123 25.94 2.22 -14.00
CA SER A 123 26.10 3.62 -13.69
C SER A 123 24.96 4.42 -14.30
N LEU A 124 24.47 5.42 -13.57
CA LEU A 124 23.52 6.38 -14.11
C LEU A 124 24.18 7.76 -14.21
N GLY A 125 25.51 7.81 -14.06
CA GLY A 125 26.25 9.02 -14.36
C GLY A 125 26.06 10.08 -13.28
N GLY A 126 26.30 11.35 -13.66
CA GLY A 126 26.13 12.48 -12.76
C GLY A 126 27.35 12.66 -11.85
N SER A 127 27.38 13.78 -11.13
CA SER A 127 28.31 14.05 -10.05
C SER A 127 27.56 14.46 -8.79
N ILE A 128 27.46 13.51 -7.86
CA ILE A 128 26.60 13.69 -6.70
C ILE A 128 27.43 13.76 -5.43
N ALA A 129 26.84 14.47 -4.45
CA ALA A 129 27.47 14.81 -3.18
C ALA A 129 26.64 14.32 -1.98
N SER A 130 25.55 13.57 -2.21
CA SER A 130 24.71 13.16 -1.08
C SER A 130 24.36 11.68 -1.18
N ASN A 131 23.64 11.17 -0.16
CA ASN A 131 22.82 9.98 -0.31
C ASN A 131 21.71 10.27 -1.32
N PRO A 132 21.46 9.35 -2.27
CA PRO A 132 20.29 9.38 -3.15
C PRO A 132 19.03 9.16 -2.31
N ALA A 133 17.94 9.84 -2.66
CA ALA A 133 16.63 9.50 -2.10
C ALA A 133 15.74 9.03 -3.25
N VAL A 134 14.93 7.98 -3.03
CA VAL A 134 14.22 7.31 -4.11
C VAL A 134 12.73 7.26 -3.80
N TYR A 135 11.88 7.37 -4.82
CA TYR A 135 10.47 7.13 -4.61
C TYR A 135 9.90 6.58 -5.92
N VAL A 136 8.65 6.14 -5.87
CA VAL A 136 8.00 5.69 -7.08
C VAL A 136 6.85 6.63 -7.44
N ASN A 137 6.81 7.02 -8.72
CA ASN A 137 5.73 7.81 -9.27
C ASN A 137 4.46 6.97 -9.33
N THR A 138 3.34 7.67 -9.63
CA THR A 138 2.02 7.04 -9.69
C THR A 138 1.95 6.09 -10.87
N ASP A 139 2.81 6.32 -11.88
CA ASP A 139 2.78 5.48 -13.09
C ASP A 139 3.82 4.35 -13.00
N GLY A 140 4.33 4.09 -11.79
CA GLY A 140 5.26 3.02 -11.52
C GLY A 140 6.73 3.31 -11.85
N ARG A 141 7.09 4.55 -12.23
CA ARG A 141 8.48 4.87 -12.56
C ARG A 141 9.24 5.30 -11.30
N LEU A 142 10.36 4.65 -11.00
CA LEU A 142 11.23 5.14 -9.95
C LEU A 142 11.82 6.50 -10.32
N GLU A 143 12.09 7.30 -9.29
CA GLU A 143 12.69 8.62 -9.44
C GLU A 143 13.61 8.87 -8.25
N VAL A 144 14.81 9.35 -8.59
CA VAL A 144 15.91 9.51 -7.65
C VAL A 144 16.29 10.99 -7.56
N PHE A 145 16.48 11.45 -6.31
CA PHE A 145 16.84 12.82 -5.98
C PHE A 145 18.18 12.80 -5.23
N VAL A 146 19.07 13.74 -5.60
CA VAL A 146 20.39 13.86 -5.01
C VAL A 146 20.75 15.32 -4.87
N ARG A 147 21.70 15.61 -3.97
CA ARG A 147 22.42 16.88 -4.01
C ARG A 147 23.56 16.73 -5.03
N GLY A 148 23.64 17.65 -6.00
CA GLY A 148 24.71 17.69 -6.98
C GLY A 148 25.97 18.35 -6.42
N SER A 149 27.06 18.30 -7.19
CA SER A 149 28.31 18.91 -6.78
C SER A 149 28.21 20.43 -6.82
N ASP A 150 27.16 20.98 -7.49
CA ASP A 150 26.89 22.40 -7.47
C ASP A 150 25.92 22.79 -6.34
N ASN A 151 25.53 21.81 -5.50
CA ASN A 151 24.65 21.99 -4.36
C ASN A 151 23.20 22.27 -4.75
N ALA A 152 22.84 22.01 -6.01
CA ALA A 152 21.42 22.01 -6.39
C ALA A 152 20.83 20.62 -6.14
N LEU A 153 19.50 20.57 -6.19
CA LEU A 153 18.78 19.32 -6.19
C LEU A 153 18.65 18.85 -7.63
N TRP A 154 19.05 17.60 -7.89
CA TRP A 154 18.97 17.01 -9.23
C TRP A 154 18.13 15.75 -9.13
N HIS A 155 17.52 15.31 -10.23
CA HIS A 155 16.70 14.13 -10.21
C HIS A 155 16.77 13.45 -11.58
N LEU A 156 16.50 12.15 -11.60
CA LEU A 156 16.29 11.47 -12.85
C LEU A 156 15.44 10.23 -12.59
N SER A 157 14.89 9.64 -13.64
CA SER A 157 13.77 8.71 -13.45
C SER A 157 13.82 7.64 -14.52
N GLN A 158 13.28 6.45 -14.20
CA GLN A 158 12.94 5.47 -15.23
C GLN A 158 12.02 6.09 -16.27
N THR A 159 12.23 5.76 -17.56
CA THR A 159 11.40 6.29 -18.65
C THR A 159 10.10 5.51 -18.80
N ALA A 160 10.07 4.28 -18.28
CA ALA A 160 8.87 3.46 -18.27
C ALA A 160 8.79 2.69 -16.96
N ALA A 161 7.57 2.31 -16.60
CA ALA A 161 7.34 1.62 -15.35
C ALA A 161 8.39 0.55 -15.15
N HIS A 162 9.09 0.66 -14.02
CA HIS A 162 9.91 -0.39 -13.45
C HIS A 162 10.88 -0.94 -14.48
N SER A 163 11.49 -0.03 -15.27
CA SER A 163 12.27 -0.42 -16.43
C SER A 163 13.38 0.58 -16.75
N ASN A 164 14.51 0.07 -17.25
CA ASN A 164 15.43 0.88 -18.03
C ASN A 164 14.81 1.20 -19.41
N PRO A 165 15.26 2.25 -20.13
CA PRO A 165 16.31 3.16 -19.66
C PRO A 165 15.82 4.27 -18.74
N TRP A 166 16.79 5.05 -18.26
CA TRP A 166 16.54 6.18 -17.40
C TRP A 166 16.56 7.48 -18.19
N SER A 167 15.96 8.50 -17.60
CA SER A 167 15.93 9.85 -18.15
C SER A 167 17.33 10.45 -18.07
N SER A 168 17.52 11.62 -18.69
CA SER A 168 18.70 12.43 -18.42
C SER A 168 18.60 13.08 -17.04
N TRP A 169 19.73 13.50 -16.47
CA TRP A 169 19.76 14.31 -15.27
C TRP A 169 19.12 15.67 -15.49
N GLN A 170 18.28 16.11 -14.54
CA GLN A 170 17.65 17.41 -14.61
C GLN A 170 17.83 18.15 -13.26
N SER A 171 18.09 19.46 -13.34
CA SER A 171 18.28 20.25 -12.13
C SER A 171 16.98 20.94 -11.70
N LEU A 172 16.70 20.90 -10.40
CA LEU A 172 15.62 21.66 -9.81
C LEU A 172 16.16 22.89 -9.08
N ASN A 173 17.46 23.18 -9.29
CA ASN A 173 18.11 24.35 -8.74
C ASN A 173 18.13 24.26 -7.23
N GLY A 174 18.20 25.42 -6.58
CA GLY A 174 18.29 25.49 -5.14
C GLY A 174 19.75 25.46 -4.70
N ASN A 175 19.94 25.60 -3.40
CA ASN A 175 21.24 25.55 -2.77
C ASN A 175 21.08 24.86 -1.42
N ILE A 176 21.46 23.59 -1.36
CA ILE A 176 21.00 22.74 -0.26
C ILE A 176 22.21 22.18 0.45
N ILE A 177 22.03 21.76 1.71
CA ILE A 177 23.12 21.14 2.44
C ILE A 177 22.73 19.75 2.97
N GLY A 178 21.45 19.39 2.92
CA GLY A 178 21.05 18.09 3.45
C GLY A 178 21.08 17.02 2.36
N ASN A 179 21.07 15.75 2.78
CA ASN A 179 20.49 14.73 1.93
C ASN A 179 19.03 15.18 1.76
N PRO A 180 18.43 15.08 0.54
CA PRO A 180 17.01 15.32 0.34
C PRO A 180 16.17 14.17 0.86
N ALA A 181 14.90 14.47 1.17
CA ALA A 181 13.89 13.47 1.49
C ALA A 181 12.70 13.70 0.57
N VAL A 182 12.05 12.62 0.15
CA VAL A 182 11.00 12.66 -0.85
C VAL A 182 9.82 11.83 -0.34
N HIS A 183 8.59 12.31 -0.55
CA HIS A 183 7.38 11.54 -0.29
C HIS A 183 6.37 11.82 -1.41
N ILE A 184 5.39 10.97 -1.59
CA ILE A 184 4.29 11.25 -2.50
C ILE A 184 3.08 11.81 -1.73
N ASN A 185 2.45 12.84 -2.28
CA ASN A 185 1.25 13.44 -1.72
C ASN A 185 0.06 12.52 -1.97
N SER A 186 -1.06 12.83 -1.31
CA SER A 186 -2.26 12.02 -1.47
C SER A 186 -3.02 12.36 -2.76
N ASP A 187 -2.43 13.15 -3.68
CA ASP A 187 -2.97 13.33 -5.03
C ASP A 187 -1.95 12.84 -6.06
N GLY A 188 -0.90 12.10 -5.65
CA GLY A 188 0.03 11.47 -6.57
C GLY A 188 1.26 12.33 -6.93
N ARG A 189 1.37 13.53 -6.37
CA ARG A 189 2.46 14.45 -6.67
C ARG A 189 3.63 14.22 -5.73
N LEU A 190 4.82 13.94 -6.26
CA LEU A 190 6.02 13.86 -5.43
C LEU A 190 6.33 15.23 -4.84
N GLU A 191 6.94 15.20 -3.64
CA GLU A 191 7.33 16.43 -2.95
C GLU A 191 8.61 16.14 -2.19
N VAL A 192 9.57 17.06 -2.32
CA VAL A 192 10.93 16.90 -1.85
C VAL A 192 11.20 17.96 -0.81
N PHE A 193 11.91 17.55 0.27
CA PHE A 193 12.23 18.41 1.40
C PHE A 193 13.73 18.39 1.59
N VAL A 194 14.31 19.57 1.84
CA VAL A 194 15.76 19.71 1.94
C VAL A 194 16.08 20.75 2.99
N ARG A 195 17.28 20.61 3.56
CA ARG A 195 17.88 21.67 4.33
C ARG A 195 18.53 22.67 3.36
N GLY A 196 18.10 23.92 3.42
CA GLY A 196 18.73 24.97 2.65
C GLY A 196 20.02 25.48 3.29
N SER A 197 20.80 26.18 2.45
CA SER A 197 22.06 26.83 2.84
C SER A 197 21.84 27.82 3.98
N ASP A 198 20.59 28.27 4.16
CA ASP A 198 20.20 29.14 5.25
C ASP A 198 19.70 28.38 6.47
N ASN A 199 19.75 27.05 6.45
CA ASN A 199 19.31 26.18 7.52
C ASN A 199 17.78 26.19 7.69
N ALA A 200 17.04 26.79 6.75
CA ALA A 200 15.59 26.60 6.75
C ALA A 200 15.23 25.27 6.09
N LEU A 201 13.98 24.86 6.31
CA LEU A 201 13.44 23.74 5.55
C LEU A 201 12.77 24.29 4.30
N TRP A 202 13.14 23.71 3.15
CA TRP A 202 12.58 24.08 1.85
C TRP A 202 11.88 22.89 1.20
N HIS A 203 10.88 23.19 0.36
CA HIS A 203 10.23 22.13 -0.41
C HIS A 203 9.86 22.58 -1.83
N ILE A 204 9.64 21.57 -2.67
CA ILE A 204 9.35 21.71 -4.08
C ILE A 204 8.57 20.47 -4.44
N SER A 205 7.56 20.63 -5.33
CA SER A 205 6.67 19.52 -5.66
C SER A 205 6.37 19.47 -7.17
N GLN A 206 6.06 18.27 -7.64
CA GLN A 206 5.45 18.07 -8.95
C GLN A 206 4.15 18.86 -9.06
N THR A 207 3.90 19.49 -10.23
CA THR A 207 2.70 20.31 -10.45
C THR A 207 1.51 19.39 -10.75
N ALA A 208 1.76 18.20 -11.31
CA ALA A 208 0.72 17.19 -11.42
C ALA A 208 1.35 15.80 -11.27
N PRO A 209 0.55 14.73 -11.07
CA PRO A 209 1.12 13.38 -10.95
C PRO A 209 2.04 13.01 -12.11
N ASP A 210 3.24 12.50 -11.83
CA ASP A 210 4.14 11.96 -12.86
C ASP A 210 4.81 13.06 -13.68
N SER A 211 4.57 14.36 -13.40
N SER A 211 4.60 14.33 -13.32
CA SER A 211 4.97 15.42 -14.31
CA SER A 211 5.01 15.43 -14.18
C SER A 211 6.44 15.80 -14.11
C SER A 211 6.54 15.52 -14.26
N ASN A 212 7.02 16.34 -15.19
CA ASN A 212 8.41 16.78 -15.19
C ASN A 212 8.46 18.26 -14.87
N LEU A 213 7.28 18.87 -14.71
CA LEU A 213 7.11 20.27 -14.34
C LEU A 213 6.85 20.39 -12.83
N TRP A 214 7.75 21.11 -12.13
CA TRP A 214 7.71 21.24 -10.68
C TRP A 214 7.35 22.68 -10.32
N SER A 215 6.92 22.85 -9.06
CA SER A 215 6.65 24.15 -8.45
C SER A 215 7.95 24.93 -8.30
N ASN A 216 7.84 26.21 -7.93
CA ASN A 216 9.03 26.92 -7.44
C ASN A 216 9.44 26.33 -6.08
N TRP A 217 10.67 26.62 -5.64
CA TRP A 217 11.09 26.38 -4.26
C TRP A 217 10.32 27.25 -3.30
N GLU A 218 9.86 26.66 -2.19
CA GLU A 218 9.24 27.47 -1.17
C GLU A 218 9.84 27.11 0.17
N SER A 219 10.04 28.12 1.00
CA SER A 219 10.57 27.91 2.33
C SER A 219 9.46 27.65 3.34
N LEU A 220 9.70 26.70 4.25
CA LEU A 220 8.88 26.46 5.43
C LEU A 220 9.54 27.03 6.69
N ASN A 221 10.59 27.83 6.51
CA ASN A 221 11.23 28.55 7.60
C ASN A 221 11.90 27.54 8.54
N GLY A 222 12.04 27.92 9.82
CA GLY A 222 12.74 27.11 10.80
C GLY A 222 14.26 27.26 10.67
N SER A 223 14.96 26.76 11.67
CA SER A 223 16.41 26.71 11.73
C SER A 223 16.76 25.27 12.09
N ILE A 224 17.29 24.50 11.15
CA ILE A 224 17.37 23.05 11.34
C ILE A 224 18.81 22.61 11.19
N SER A 225 19.14 21.44 11.74
CA SER A 225 20.51 20.96 11.79
C SER A 225 20.57 19.45 11.57
N SER A 226 19.61 18.90 10.81
CA SER A 226 19.68 17.52 10.32
C SER A 226 19.09 17.50 8.92
N ASP A 227 19.21 16.35 8.25
CA ASP A 227 18.31 16.03 7.17
C ASP A 227 16.88 16.06 7.71
N PRO A 228 15.88 16.46 6.90
CA PRO A 228 14.48 16.30 7.27
C PRO A 228 14.01 14.85 7.05
N ALA A 229 13.00 14.44 7.83
CA ALA A 229 12.28 13.19 7.59
C ALA A 229 10.83 13.50 7.29
N VAL A 230 10.21 12.87 6.29
CA VAL A 230 8.83 13.15 5.95
C VAL A 230 7.99 11.88 5.98
N ILE A 231 6.71 12.01 6.35
CA ILE A 231 5.78 10.92 6.19
C ILE A 231 4.39 11.44 5.86
N GLY A 232 3.55 10.54 5.32
CA GLY A 232 2.15 10.82 5.01
C GLY A 232 1.24 10.28 6.10
N THR A 233 0.49 11.16 6.76
CA THR A 233 -0.45 10.71 7.79
C THR A 233 -1.56 9.94 7.11
N VAL A 234 -2.38 9.28 7.91
CA VAL A 234 -3.41 8.43 7.33
C VAL A 234 -4.53 9.28 6.75
N ASP A 235 -4.69 10.51 7.27
CA ASP A 235 -5.68 11.43 6.72
C ASP A 235 -5.11 12.22 5.55
N GLY A 236 -3.93 11.81 5.08
CA GLY A 236 -3.38 12.24 3.81
C GLY A 236 -2.55 13.53 3.85
N ARG A 237 -2.12 13.96 5.03
CA ARG A 237 -1.32 15.18 5.17
C ARG A 237 0.15 14.79 5.32
N LEU A 238 1.06 15.47 4.60
CA LEU A 238 2.48 15.29 4.87
C LEU A 238 2.85 15.94 6.20
N GLU A 239 3.75 15.26 6.92
CA GLU A 239 4.31 15.75 8.18
C GLU A 239 5.82 15.55 8.17
N VAL A 240 6.56 16.59 8.52
CA VAL A 240 8.01 16.61 8.44
C VAL A 240 8.57 16.78 9.85
N PHE A 241 9.66 16.06 10.10
CA PHE A 241 10.38 16.01 11.37
C PHE A 241 11.82 16.41 11.14
N VAL A 242 12.34 17.33 11.98
CA VAL A 242 13.73 17.78 11.92
C VAL A 242 14.33 17.91 13.32
N ARG A 243 15.66 17.88 13.38
CA ARG A 243 16.45 18.35 14.51
C ARG A 243 16.60 19.86 14.38
N GLY A 244 16.10 20.60 15.35
CA GLY A 244 16.29 22.05 15.37
C GLY A 244 17.71 22.42 15.82
N SER A 245 18.02 23.72 15.64
CA SER A 245 19.27 24.31 16.09
C SER A 245 19.45 24.17 17.61
N ASP A 246 18.35 24.06 18.36
CA ASP A 246 18.35 23.83 19.80
C ASP A 246 18.44 22.35 20.17
N ASN A 247 18.65 21.45 19.20
CA ASN A 247 18.73 20.00 19.40
C ASN A 247 17.42 19.38 19.83
N ALA A 248 16.32 20.11 19.75
CA ALA A 248 15.03 19.50 19.98
C ALA A 248 14.53 18.89 18.65
N LEU A 249 13.57 18.00 18.77
CA LEU A 249 12.80 17.50 17.65
C LEU A 249 11.65 18.46 17.40
N TRP A 250 11.53 18.93 16.14
CA TRP A 250 10.45 19.80 15.71
C TRP A 250 9.70 19.16 14.54
N HIS A 251 8.42 19.55 14.40
CA HIS A 251 7.61 19.09 13.28
C HIS A 251 6.66 20.18 12.78
N ASN A 252 6.13 19.95 11.59
CA ASN A 252 5.35 20.89 10.80
C ASN A 252 4.54 20.00 9.86
N TRP A 253 3.30 20.37 9.54
CA TRP A 253 2.51 19.49 8.70
C TRP A 253 1.57 20.32 7.83
N GLN A 254 1.18 19.75 6.70
CA GLN A 254 0.15 20.31 5.83
C GLN A 254 -1.14 20.36 6.64
N THR A 255 -1.91 21.46 6.57
CA THR A 255 -3.12 21.54 7.39
C THR A 255 -4.30 20.93 6.67
N VAL A 256 -4.20 20.78 5.34
CA VAL A 256 -5.19 20.08 4.53
C VAL A 256 -4.46 19.00 3.73
N PRO A 257 -5.16 17.97 3.22
CA PRO A 257 -4.53 17.00 2.34
C PRO A 257 -3.89 17.68 1.14
N HIS A 258 -2.60 17.36 0.95
CA HIS A 258 -1.85 17.57 -0.27
C HIS A 258 -1.76 19.04 -0.64
N SER A 259 -1.81 19.92 0.36
CA SER A 259 -1.73 21.35 0.12
C SER A 259 -1.26 22.10 1.36
N GLY A 260 -0.54 23.18 1.12
CA GLY A 260 -0.46 24.26 2.11
C GLY A 260 -1.84 24.81 2.45
N PRO A 261 -1.97 25.71 3.46
CA PRO A 261 -0.84 26.13 4.26
C PRO A 261 -0.36 25.03 5.20
N TRP A 262 0.86 25.21 5.62
CA TRP A 262 1.45 24.35 6.62
C TRP A 262 1.18 24.97 7.98
N SER A 263 1.23 24.12 9.01
CA SER A 263 0.94 24.47 10.37
C SER A 263 1.94 25.48 10.92
N GLY A 264 3.16 25.49 10.41
CA GLY A 264 4.20 26.15 11.20
C GLY A 264 4.73 25.25 12.32
N TRP A 265 5.82 25.72 12.94
CA TRP A 265 6.76 24.84 13.63
C TRP A 265 6.31 24.56 15.05
N VAL A 266 6.35 23.29 15.46
CA VAL A 266 6.00 22.91 16.82
C VAL A 266 7.10 22.01 17.37
N SER A 267 7.54 22.27 18.60
CA SER A 267 8.60 21.48 19.19
C SER A 267 8.01 20.26 19.88
N LEU A 268 8.67 19.10 19.74
CA LEU A 268 8.42 17.95 20.58
C LEU A 268 9.52 17.76 21.65
N ASN A 269 10.38 18.76 21.76
CA ASN A 269 11.41 18.81 22.80
C ASN A 269 12.43 17.71 22.59
N GLY A 270 13.01 17.20 23.69
CA GLY A 270 14.09 16.25 23.64
C GLY A 270 15.45 16.90 23.36
N ASN A 271 16.47 16.04 23.29
CA ASN A 271 17.82 16.46 22.99
C ASN A 271 18.44 15.37 22.11
N ILE A 272 18.57 15.68 20.81
CA ILE A 272 18.88 14.67 19.82
C ILE A 272 20.12 15.12 19.05
N ILE A 273 20.81 14.13 18.47
CA ILE A 273 22.04 14.38 17.77
C ILE A 273 22.03 13.74 16.39
N SER A 274 20.89 13.15 15.99
CA SER A 274 20.72 12.58 14.66
C SER A 274 19.56 13.25 13.94
N ALA A 275 19.42 12.94 12.65
CA ALA A 275 18.14 13.05 11.98
C ALA A 275 17.12 12.11 12.65
N PRO A 276 15.85 12.51 12.72
CA PRO A 276 14.80 11.63 13.22
C PRO A 276 14.38 10.68 12.09
N THR A 277 13.78 9.55 12.47
CA THR A 277 13.06 8.76 11.48
C THR A 277 11.66 8.51 11.99
N VAL A 278 10.69 8.45 11.07
CA VAL A 278 9.29 8.38 11.43
C VAL A 278 8.68 7.20 10.70
N ALA A 279 7.74 6.53 11.35
CA ALA A 279 6.97 5.46 10.76
C ALA A 279 5.53 5.53 11.27
N ARG A 280 4.62 4.90 10.53
CA ARG A 280 3.25 4.73 10.97
C ARG A 280 3.06 3.35 11.61
N ASN A 281 2.53 3.32 12.84
CA ASN A 281 2.13 2.09 13.50
C ASN A 281 0.95 1.48 12.74
N TRP A 282 0.57 0.26 13.14
CA TRP A 282 -0.56 -0.48 12.59
C TRP A 282 -1.88 0.26 12.74
N ASP A 283 -2.01 1.07 13.79
CA ASP A 283 -3.22 1.88 14.00
C ASP A 283 -3.02 3.31 13.50
N ASN A 284 -1.93 3.52 12.76
CA ASN A 284 -1.62 4.76 12.04
C ASN A 284 -1.24 5.93 12.94
N ARG A 285 -0.86 5.68 14.20
CA ARG A 285 -0.18 6.69 14.98
C ARG A 285 1.25 6.77 14.47
N LEU A 286 1.72 8.00 14.24
CA LEU A 286 3.11 8.26 13.93
C LEU A 286 3.98 7.99 15.16
N GLU A 287 5.20 7.54 14.90
CA GLU A 287 6.16 7.25 15.95
C GLU A 287 7.53 7.61 15.41
N VAL A 288 8.30 8.36 16.21
CA VAL A 288 9.53 8.95 15.76
C VAL A 288 10.63 8.36 16.62
N PHE A 289 11.75 8.05 15.95
CA PHE A 289 12.95 7.49 16.56
C PHE A 289 14.15 8.42 16.29
N VAL A 290 14.99 8.61 17.32
CA VAL A 290 16.16 9.47 17.24
C VAL A 290 17.29 8.86 18.06
N CYS A 291 18.48 9.30 17.71
CA CYS A 291 19.62 9.18 18.61
C CYS A 291 19.62 10.35 19.61
N GLY A 292 19.50 10.02 20.89
CA GLY A 292 19.62 11.01 21.95
C GLY A 292 21.05 11.48 22.20
N ALA A 293 21.17 12.60 22.93
CA ALA A 293 22.45 13.15 23.38
C ALA A 293 23.24 12.13 24.22
N ASP A 294 22.56 11.19 24.88
CA ASP A 294 23.19 10.11 25.63
C ASP A 294 23.59 8.92 24.74
N ASN A 295 23.48 9.08 23.41
CA ASN A 295 23.65 8.03 22.41
C ASN A 295 22.76 6.82 22.62
N ALA A 296 21.61 6.95 23.30
CA ALA A 296 20.63 5.88 23.32
C ALA A 296 19.59 6.12 22.22
N LEU A 297 18.87 5.06 21.88
CA LEU A 297 17.70 5.19 21.01
C LEU A 297 16.54 5.69 21.83
N TRP A 298 15.91 6.79 21.39
CA TRP A 298 14.68 7.28 22.00
C TRP A 298 13.53 7.27 20.98
N HIS A 299 12.30 7.20 21.51
CA HIS A 299 11.10 7.31 20.68
C HIS A 299 10.01 8.11 21.38
N ILE A 300 9.09 8.66 20.58
CA ILE A 300 7.97 9.47 21.01
C ILE A 300 6.87 9.20 19.99
N TRP A 301 5.60 9.16 20.41
CA TRP A 301 4.56 8.75 19.49
C TRP A 301 3.28 9.56 19.72
N GLN A 302 2.40 9.55 18.71
CA GLN A 302 1.03 9.99 18.89
C GLN A 302 0.30 9.01 19.80
N THR A 303 -0.52 9.51 20.71
CA THR A 303 -1.29 8.66 21.60
C THR A 303 -2.72 8.53 21.07
N VAL A 304 -3.36 7.44 21.47
CA VAL A 304 -4.80 7.26 21.45
C VAL A 304 -5.23 6.92 20.01
N SER A 305 -4.98 7.85 19.08
CA SER A 305 -5.29 7.65 17.67
C SER A 305 -4.30 8.44 16.81
N HIS A 306 -4.38 8.18 15.51
CA HIS A 306 -3.69 8.94 14.48
C HIS A 306 -3.99 10.41 14.69
N SER A 307 -2.98 11.26 14.47
CA SER A 307 -3.00 12.68 14.83
C SER A 307 -3.34 12.98 16.31
N GLY A 308 -3.20 12.03 17.23
CA GLY A 308 -3.49 12.31 18.64
C GLY A 308 -2.37 13.11 19.32
N PRO A 309 -2.55 13.57 20.59
CA PRO A 309 -1.47 14.30 21.30
C PRO A 309 -0.28 13.39 21.60
N TRP A 310 0.95 13.95 21.60
CA TRP A 310 2.15 13.13 21.64
C TRP A 310 2.48 12.67 23.06
N SER A 311 3.07 11.46 23.15
CA SER A 311 3.52 10.86 24.38
C SER A 311 4.73 11.62 24.93
N SER A 312 5.12 11.27 26.15
CA SER A 312 6.45 11.64 26.59
C SER A 312 7.48 10.94 25.71
N TRP A 313 8.71 11.45 25.74
CA TRP A 313 9.91 10.75 25.29
C TRP A 313 10.18 9.50 26.10
N ALA A 314 10.55 8.38 25.45
CA ALA A 314 10.91 7.17 26.19
C ALA A 314 12.20 6.60 25.62
N SER A 315 13.07 6.05 26.48
CA SER A 315 14.36 5.54 26.04
C SER A 315 14.22 4.07 25.68
N LEU A 316 14.86 3.64 24.58
CA LEU A 316 15.03 2.21 24.34
C LEU A 316 16.47 1.77 24.59
N ASN A 317 17.29 2.61 25.23
CA ASN A 317 18.64 2.27 25.62
C ASN A 317 19.50 2.02 24.38
N GLY A 318 20.59 1.26 24.57
CA GLY A 318 21.55 1.01 23.51
C GLY A 318 22.65 2.06 23.52
N ASN A 319 23.64 1.87 22.66
CA ASN A 319 24.73 2.82 22.51
C ASN A 319 24.99 2.90 21.01
N ILE A 320 24.39 3.94 20.39
CA ILE A 320 24.23 3.98 18.96
C ILE A 320 25.01 5.15 18.41
N ILE A 321 25.49 5.01 17.17
CA ILE A 321 26.32 6.01 16.53
C ILE A 321 25.75 6.38 15.16
N SER A 322 24.48 6.04 14.87
CA SER A 322 23.85 6.53 13.64
C SER A 322 22.45 7.06 13.93
N ALA A 323 21.79 7.57 12.88
CA ALA A 323 20.35 7.69 12.95
C ALA A 323 19.75 6.28 12.90
N PRO A 324 18.57 6.09 13.51
CA PRO A 324 17.88 4.81 13.43
C PRO A 324 17.13 4.74 12.11
N THR A 325 16.92 3.50 11.65
CA THR A 325 16.06 3.20 10.52
C THR A 325 14.94 2.25 10.94
N VAL A 326 13.71 2.51 10.51
CA VAL A 326 12.55 1.79 11.03
C VAL A 326 11.71 1.22 9.88
N ALA A 327 11.23 -0.03 10.04
CA ALA A 327 10.31 -0.68 9.11
C ALA A 327 9.19 -1.37 9.91
N GLN A 328 8.08 -1.65 9.24
CA GLN A 328 7.03 -2.45 9.86
C GLN A 328 7.09 -3.84 9.26
N ASP A 329 7.09 -4.86 10.11
CA ASP A 329 7.19 -6.22 9.61
C ASP A 329 5.81 -6.77 9.25
N ALA A 330 5.82 -8.02 8.77
CA ALA A 330 4.63 -8.72 8.29
C ALA A 330 3.60 -8.90 9.41
N ASP A 331 4.04 -8.90 10.66
CA ASP A 331 3.20 -9.07 11.83
C ASP A 331 2.56 -7.74 12.25
N GLY A 332 2.91 -6.64 11.57
CA GLY A 332 2.41 -5.32 11.94
C GLY A 332 3.20 -4.63 13.06
N LEU A 333 4.37 -5.16 13.41
CA LEU A 333 5.21 -4.60 14.46
C LEU A 333 6.37 -3.79 13.87
N LEU A 334 6.66 -2.64 14.45
CA LEU A 334 7.80 -1.82 14.05
C LEU A 334 9.10 -2.50 14.48
N GLU A 335 10.12 -2.35 13.63
CA GLU A 335 11.47 -2.84 13.90
C GLU A 335 12.45 -1.75 13.52
N VAL A 336 13.45 -1.55 14.38
CA VAL A 336 14.42 -0.48 14.23
C VAL A 336 15.79 -1.12 14.09
N PHE A 337 16.61 -0.52 13.21
CA PHE A 337 17.96 -0.93 12.89
C PHE A 337 18.86 0.27 13.12
N VAL A 338 20.00 0.07 13.82
CA VAL A 338 20.96 1.13 14.15
C VAL A 338 22.40 0.59 14.05
N LEU A 339 23.34 1.48 13.77
CA LEU A 339 24.75 1.15 13.88
C LEU A 339 25.12 1.28 15.35
N GLY A 340 25.63 0.22 15.97
CA GLY A 340 26.05 0.29 17.35
C GLY A 340 27.48 0.84 17.49
N SER A 341 27.86 1.20 18.73
CA SER A 341 29.20 1.74 18.97
C SER A 341 30.30 0.78 18.48
N ASP A 342 29.98 -0.52 18.36
CA ASP A 342 30.92 -1.53 17.90
C ASP A 342 30.93 -1.66 16.37
N HIS A 343 30.13 -0.83 15.70
CA HIS A 343 29.96 -0.87 14.25
C HIS A 343 29.25 -2.12 13.75
N ALA A 344 28.60 -2.89 14.63
CA ALA A 344 27.69 -3.91 14.14
C ALA A 344 26.32 -3.29 13.89
N LEU A 345 25.50 -3.96 13.08
CA LEU A 345 24.10 -3.60 12.96
C LEU A 345 23.31 -4.29 14.07
N TRP A 346 22.51 -3.47 14.76
CA TRP A 346 21.69 -3.92 15.87
C TRP A 346 20.21 -3.67 15.52
N ASN A 347 19.34 -4.44 16.17
CA ASN A 347 17.92 -4.39 15.86
C ASN A 347 17.12 -4.56 17.17
N ILE A 348 15.97 -3.90 17.23
CA ILE A 348 15.05 -3.98 18.37
C ILE A 348 13.63 -3.88 17.80
N ARG A 349 12.62 -4.51 18.42
CA ARG A 349 11.29 -4.58 17.82
C ARG A 349 10.17 -4.44 18.85
N GLN A 350 9.03 -3.93 18.39
CA GLN A 350 7.78 -4.06 19.13
C GLN A 350 7.46 -5.55 19.29
N THR A 351 6.85 -5.96 20.41
CA THR A 351 6.51 -7.37 20.60
C THR A 351 5.00 -7.62 20.50
N SER A 355 6.00 -3.91 26.01
CA SER A 355 7.48 -3.77 25.91
C SER A 355 7.99 -4.07 24.51
N TRP A 356 9.07 -3.39 24.16
CA TRP A 356 9.92 -3.76 23.06
C TRP A 356 10.78 -4.97 23.44
N SER A 357 11.34 -5.62 22.43
CA SER A 357 12.18 -6.77 22.62
C SER A 357 13.48 -6.30 23.28
N PRO A 358 14.36 -7.20 23.74
CA PRO A 358 15.74 -6.80 24.00
C PRO A 358 16.47 -6.40 22.71
N TRP A 359 17.55 -5.61 22.82
CA TRP A 359 18.47 -5.34 21.72
C TRP A 359 19.09 -6.65 21.22
N LEU A 360 19.28 -6.76 19.90
CA LEU A 360 19.86 -7.97 19.35
C LEU A 360 20.85 -7.59 18.26
N SER A 361 22.05 -8.17 18.26
CA SER A 361 23.02 -7.81 17.25
C SER A 361 22.83 -8.68 16.00
N LEU A 362 22.96 -8.08 14.81
CA LEU A 362 23.04 -8.86 13.59
C LEU A 362 24.46 -8.81 13.07
N ASN A 363 25.42 -8.39 13.92
CA ASN A 363 26.83 -8.49 13.62
C ASN A 363 27.16 -7.59 12.44
N GLY A 364 28.15 -7.97 11.65
CA GLY A 364 28.67 -7.14 10.58
C GLY A 364 29.68 -6.09 11.08
N SER A 365 30.38 -5.49 10.13
CA SER A 365 31.20 -4.31 10.37
C SER A 365 30.81 -3.24 9.35
N LEU A 366 30.11 -2.20 9.83
CA LEU A 366 29.42 -1.29 8.94
C LEU A 366 29.97 0.11 9.14
N ILE A 367 29.82 0.94 8.11
CA ILE A 367 30.29 2.31 8.18
C ILE A 367 29.20 3.31 7.77
N SER A 368 29.45 4.55 8.24
CA SER A 368 28.76 5.79 7.88
C SER A 368 29.49 6.43 6.70
N THR A 369 28.77 7.30 5.98
CA THR A 369 29.36 8.01 4.86
C THR A 369 29.12 9.52 4.99
N GLY B 31 -25.79 -18.40 -4.76
CA GLY B 31 -25.64 -17.76 -3.43
C GLY B 31 -25.62 -16.23 -3.50
N LEU B 32 -25.86 -15.58 -2.35
CA LEU B 32 -25.98 -14.14 -2.29
C LEU B 32 -24.62 -13.51 -2.57
N SER B 33 -24.64 -12.33 -3.22
CA SER B 33 -23.41 -11.64 -3.63
C SER B 33 -23.21 -10.40 -2.77
N GLU B 34 -21.97 -9.85 -2.83
CA GLU B 34 -21.70 -8.49 -2.37
C GLU B 34 -22.65 -7.54 -3.12
N ILE B 35 -23.12 -6.48 -2.43
CA ILE B 35 -24.02 -5.49 -3.03
C ILE B 35 -23.51 -4.06 -2.86
N VAL B 36 -22.46 -3.83 -2.06
CA VAL B 36 -21.73 -2.58 -2.06
C VAL B 36 -20.29 -2.84 -2.46
N SER B 37 -19.60 -1.77 -2.87
CA SER B 37 -18.16 -1.79 -2.82
C SER B 37 -17.73 -0.62 -1.94
N VAL B 38 -16.54 -0.77 -1.37
CA VAL B 38 -16.02 0.18 -0.40
C VAL B 38 -14.65 0.59 -0.88
N ALA B 39 -14.38 1.89 -0.75
CA ALA B 39 -13.05 2.36 -1.07
C ALA B 39 -12.54 3.16 0.12
N ASN B 40 -11.24 3.04 0.30
CA ASN B 40 -10.43 3.83 1.20
C ASN B 40 -9.98 5.06 0.41
N THR B 41 -10.59 6.23 0.66
CA THR B 41 -10.13 7.46 0.01
C THR B 41 -8.71 7.85 0.46
N SER B 42 -8.06 8.79 -0.27
CA SER B 42 -6.66 9.12 -0.02
C SER B 42 -6.50 9.99 1.25
N ASP B 43 -7.58 10.58 1.71
CA ASP B 43 -7.60 11.28 3.01
C ASP B 43 -8.23 10.43 4.12
N GLY B 44 -8.23 9.10 3.93
CA GLY B 44 -8.34 8.11 5.00
C GLY B 44 -9.80 7.81 5.39
N ARG B 45 -10.74 8.19 4.55
CA ARG B 45 -12.16 8.01 4.85
C ARG B 45 -12.76 6.89 4.01
N LEU B 46 -13.63 6.06 4.62
CA LEU B 46 -14.31 5.02 3.89
C LEU B 46 -15.49 5.63 3.13
N GLU B 47 -15.73 5.13 1.91
CA GLU B 47 -16.75 5.64 1.00
C GLU B 47 -17.41 4.41 0.35
N VAL B 48 -18.75 4.30 0.52
CA VAL B 48 -19.53 3.13 0.14
C VAL B 48 -20.42 3.50 -1.04
N PHE B 49 -20.46 2.61 -2.04
CA PHE B 49 -21.29 2.76 -3.23
C PHE B 49 -22.28 1.60 -3.32
N GLY B 50 -23.54 1.90 -3.62
CA GLY B 50 -24.58 0.89 -3.72
C GLY B 50 -25.58 1.25 -4.80
N VAL B 51 -26.44 0.28 -5.15
CA VAL B 51 -27.52 0.58 -6.08
C VAL B 51 -28.74 0.88 -5.22
N GLY B 52 -29.41 2.00 -5.51
CA GLY B 52 -30.63 2.37 -4.79
C GLY B 52 -31.87 1.75 -5.43
N SER B 53 -33.00 1.85 -4.71
N SER B 53 -33.00 1.87 -4.70
CA SER B 53 -34.25 1.26 -5.18
CA SER B 53 -34.28 1.32 -5.11
C SER B 53 -34.74 1.97 -6.45
C SER B 53 -34.72 1.95 -6.43
N ASP B 54 -34.20 3.15 -6.72
CA ASP B 54 -34.46 3.86 -7.96
C ASP B 54 -33.51 3.40 -9.10
N HIS B 55 -32.60 2.45 -8.82
CA HIS B 55 -31.62 1.91 -9.77
C HIS B 55 -30.52 2.90 -10.14
N ALA B 56 -30.37 3.97 -9.39
CA ALA B 56 -29.21 4.82 -9.57
C ALA B 56 -28.09 4.31 -8.66
N VAL B 57 -26.87 4.75 -8.91
CA VAL B 57 -25.76 4.51 -7.98
C VAL B 57 -25.80 5.60 -6.90
N TRP B 58 -25.67 5.21 -5.63
CA TRP B 58 -25.55 6.16 -4.54
C TRP B 58 -24.29 5.88 -3.74
N HIS B 59 -23.81 6.90 -3.00
CA HIS B 59 -22.60 6.79 -2.20
C HIS B 59 -22.76 7.58 -0.90
N ASN B 60 -21.95 7.18 0.07
CA ASN B 60 -22.01 7.68 1.42
C ASN B 60 -20.61 7.54 1.98
N TRP B 61 -20.15 8.47 2.84
CA TRP B 61 -18.76 8.40 3.27
C TRP B 61 -18.61 8.80 4.73
N GLN B 62 -17.55 8.29 5.39
CA GLN B 62 -17.15 8.79 6.71
C GLN B 62 -16.84 10.28 6.56
N LEU B 63 -17.34 11.12 7.48
CA LEU B 63 -17.10 12.55 7.35
C LEU B 63 -15.68 12.87 7.82
N THR B 64 -15.14 12.05 8.72
CA THR B 64 -13.75 12.17 9.15
C THR B 64 -13.08 10.80 9.14
N PRO B 65 -11.72 10.74 9.15
CA PRO B 65 -10.99 9.47 9.04
C PRO B 65 -10.81 8.68 10.34
N TYR B 66 -11.93 8.38 11.01
CA TYR B 66 -11.91 7.66 12.28
C TYR B 66 -13.00 6.59 12.26
N SER B 67 -12.71 5.46 12.93
CA SER B 67 -13.63 4.34 13.15
C SER B 67 -14.95 4.85 13.76
N ASN B 68 -14.79 5.87 14.62
CA ASN B 68 -15.81 6.51 15.43
C ASN B 68 -16.62 7.52 14.60
N SER B 69 -16.28 7.69 13.31
CA SER B 69 -16.75 8.86 12.56
C SER B 69 -18.24 8.79 12.20
N PRO B 70 -18.96 9.94 12.25
CA PRO B 70 -20.29 10.06 11.64
C PRO B 70 -20.22 10.05 10.11
N TRP B 71 -21.31 9.57 9.47
CA TRP B 71 -21.37 9.42 8.02
C TRP B 71 -22.10 10.58 7.33
N SER B 72 -21.78 10.79 6.05
CA SER B 72 -22.34 11.88 5.26
C SER B 72 -23.83 11.69 4.96
N GLY B 73 -24.29 10.44 4.89
CA GLY B 73 -25.59 10.17 4.25
C GLY B 73 -25.47 10.08 2.72
N TRP B 74 -26.54 9.61 2.07
CA TRP B 74 -26.47 9.14 0.70
C TRP B 74 -26.61 10.29 -0.32
N LEU B 75 -25.71 10.30 -1.31
CA LEU B 75 -25.75 11.25 -2.42
C LEU B 75 -25.88 10.44 -3.71
N SER B 76 -26.76 10.83 -4.62
CA SER B 76 -26.95 10.04 -5.84
C SER B 76 -25.90 10.40 -6.88
N LEU B 77 -25.39 9.39 -7.59
CA LEU B 77 -24.58 9.63 -8.78
C LEU B 77 -25.40 9.38 -10.05
N ASN B 78 -26.71 9.22 -9.88
CA ASN B 78 -27.63 8.97 -10.99
C ASN B 78 -27.25 7.67 -11.71
N GLY B 79 -27.57 7.60 -13.00
CA GLY B 79 -27.39 6.37 -13.76
C GLY B 79 -28.62 5.47 -13.67
N ASN B 80 -28.54 4.36 -14.40
CA ASN B 80 -29.59 3.38 -14.36
C ASN B 80 -28.98 2.00 -14.57
N VAL B 81 -28.84 1.24 -13.48
CA VAL B 81 -27.82 0.22 -13.41
C VAL B 81 -28.43 -1.11 -13.05
N THR B 82 -27.77 -2.21 -13.44
CA THR B 82 -28.25 -3.54 -13.12
C THR B 82 -27.14 -4.46 -12.62
N SER B 83 -26.06 -3.89 -12.05
CA SER B 83 -25.12 -4.66 -11.26
C SER B 83 -24.76 -3.88 -10.00
N LYS B 84 -24.13 -4.59 -9.06
CA LYS B 84 -23.28 -3.98 -8.06
C LYS B 84 -22.32 -3.02 -8.75
N PRO B 85 -22.06 -1.81 -8.16
CA PRO B 85 -21.01 -0.91 -8.64
C PRO B 85 -19.68 -1.43 -8.09
N ALA B 86 -18.59 -1.32 -8.88
CA ALA B 86 -17.25 -1.64 -8.40
C ALA B 86 -16.39 -0.36 -8.40
N VAL B 87 -15.81 -0.01 -7.25
CA VAL B 87 -15.06 1.22 -7.16
C VAL B 87 -13.56 0.89 -7.07
N TYR B 88 -12.69 1.71 -7.67
CA TYR B 88 -11.26 1.58 -7.48
C TYR B 88 -10.65 2.97 -7.32
N VAL B 89 -9.50 3.04 -6.66
CA VAL B 89 -8.80 4.29 -6.52
C VAL B 89 -7.67 4.30 -7.54
N ASN B 90 -7.72 5.26 -8.44
CA ASN B 90 -6.68 5.53 -9.41
C ASN B 90 -5.39 5.92 -8.67
N THR B 91 -4.21 5.68 -9.26
CA THR B 91 -2.97 5.88 -8.52
C THR B 91 -2.75 7.38 -8.24
N ASP B 92 -3.52 8.27 -8.90
CA ASP B 92 -3.57 9.71 -8.64
C ASP B 92 -4.72 10.10 -7.69
N ASP B 93 -5.31 9.10 -7.06
CA ASP B 93 -6.15 9.18 -5.87
C ASP B 93 -7.59 9.60 -6.20
N ARG B 94 -7.97 9.61 -7.48
CA ARG B 94 -9.35 9.87 -7.89
C ARG B 94 -10.14 8.55 -7.92
N LEU B 95 -11.26 8.49 -7.20
CA LEU B 95 -12.13 7.33 -7.22
C LEU B 95 -12.81 7.23 -8.58
N GLU B 96 -13.06 5.99 -8.99
CA GLU B 96 -13.68 5.69 -10.27
C GLU B 96 -14.55 4.45 -10.08
N VAL B 97 -15.80 4.53 -10.57
CA VAL B 97 -16.81 3.50 -10.34
C VAL B 97 -17.22 2.89 -11.68
N PHE B 98 -17.38 1.57 -11.70
CA PHE B 98 -17.73 0.81 -12.90
C PHE B 98 -19.01 0.05 -12.59
N VAL B 99 -19.93 0.03 -13.56
CA VAL B 99 -21.21 -0.58 -13.35
C VAL B 99 -21.73 -1.19 -14.65
N ARG B 100 -22.61 -2.18 -14.52
CA ARG B 100 -23.42 -2.65 -15.63
C ARG B 100 -24.64 -1.74 -15.80
N GLY B 101 -24.79 -1.12 -16.97
CA GLY B 101 -25.96 -0.31 -17.24
C GLY B 101 -27.14 -1.17 -17.67
N SER B 102 -28.33 -0.58 -17.69
CA SER B 102 -29.56 -1.26 -18.10
C SER B 102 -29.48 -1.70 -19.55
N ASP B 103 -28.56 -1.10 -20.32
CA ASP B 103 -28.32 -1.49 -21.70
C ASP B 103 -27.31 -2.63 -21.79
N ASN B 104 -26.83 -3.15 -20.65
CA ASN B 104 -25.81 -4.17 -20.58
C ASN B 104 -24.43 -3.65 -20.98
N ALA B 105 -24.23 -2.35 -21.18
CA ALA B 105 -22.89 -1.84 -21.44
C ALA B 105 -22.15 -1.63 -20.11
N LEU B 106 -20.82 -1.62 -20.18
CA LEU B 106 -20.00 -1.14 -19.07
C LEU B 106 -19.96 0.38 -19.07
N TRP B 107 -20.33 0.98 -17.92
CA TRP B 107 -20.30 2.43 -17.70
C TRP B 107 -19.35 2.76 -16.55
N HIS B 108 -18.79 3.98 -16.60
CA HIS B 108 -17.92 4.46 -15.54
C HIS B 108 -18.19 5.94 -15.26
N ASN B 109 -17.79 6.32 -14.05
CA ASN B 109 -17.92 7.67 -13.54
C ASN B 109 -16.70 7.89 -12.64
N TRP B 110 -16.01 9.03 -12.80
CA TRP B 110 -14.77 9.26 -12.06
C TRP B 110 -14.76 10.61 -11.36
N GLN B 111 -13.96 10.71 -10.29
CA GLN B 111 -13.69 11.98 -9.64
C GLN B 111 -12.84 12.83 -10.57
N ILE B 112 -13.12 14.14 -10.63
CA ILE B 112 -12.30 15.00 -11.47
C ILE B 112 -11.05 15.44 -10.72
N ALA B 113 -11.15 15.56 -9.38
CA ALA B 113 -9.97 15.75 -8.53
C ALA B 113 -10.08 14.82 -7.31
N PRO B 114 -8.97 14.44 -6.63
CA PRO B 114 -9.09 13.53 -5.49
C PRO B 114 -10.12 14.02 -4.49
N ASN B 115 -11.12 13.18 -4.18
CA ASN B 115 -12.08 13.44 -3.12
C ASN B 115 -13.00 14.64 -3.44
N LEU B 116 -13.03 15.08 -4.70
CA LEU B 116 -13.83 16.23 -5.12
C LEU B 116 -14.91 15.74 -6.09
N GLY B 117 -15.14 16.45 -7.22
CA GLY B 117 -16.38 16.33 -7.99
C GLY B 117 -16.33 15.18 -8.99
N TRP B 118 -17.52 14.82 -9.53
CA TRP B 118 -17.65 13.65 -10.37
C TRP B 118 -17.95 14.03 -11.82
N SER B 119 -17.40 13.22 -12.73
CA SER B 119 -17.48 13.42 -14.16
C SER B 119 -18.89 13.25 -14.70
N GLY B 120 -19.73 12.44 -14.07
CA GLY B 120 -20.89 11.94 -14.81
C GLY B 120 -20.53 10.78 -15.75
N TRP B 121 -21.57 10.11 -16.25
CA TRP B 121 -21.45 8.74 -16.75
C TRP B 121 -20.95 8.72 -18.18
N GLN B 122 -20.00 7.80 -18.44
CA GLN B 122 -19.49 7.56 -19.77
C GLN B 122 -19.56 6.08 -20.05
N SER B 123 -19.98 5.73 -21.26
CA SER B 123 -20.09 4.33 -21.62
C SER B 123 -18.77 3.82 -22.15
N LEU B 124 -18.37 2.61 -21.74
CA LEU B 124 -17.28 1.93 -22.44
C LEU B 124 -17.80 0.81 -23.37
N GLY B 125 -19.09 0.79 -23.70
CA GLY B 125 -19.60 -0.17 -24.67
C GLY B 125 -19.58 -1.60 -24.13
N GLY B 126 -19.54 -2.58 -25.06
CA GLY B 126 -19.57 -3.98 -24.68
C GLY B 126 -20.99 -4.43 -24.34
N SER B 127 -21.15 -5.74 -24.15
CA SER B 127 -22.40 -6.31 -23.71
C SER B 127 -22.07 -7.27 -22.57
N ILE B 128 -22.43 -6.93 -21.33
CA ILE B 128 -21.90 -7.64 -20.20
C ILE B 128 -23.06 -8.21 -19.39
N ALA B 129 -22.77 -9.27 -18.63
CA ALA B 129 -23.76 -10.01 -17.86
C ALA B 129 -23.42 -10.06 -16.37
N SER B 130 -22.27 -9.51 -15.94
CA SER B 130 -21.88 -9.63 -14.53
C SER B 130 -21.61 -8.26 -13.91
N ASN B 131 -21.44 -8.26 -12.59
CA ASN B 131 -20.71 -7.22 -11.92
C ASN B 131 -19.35 -7.09 -12.60
N PRO B 132 -18.82 -5.89 -12.87
CA PRO B 132 -17.42 -5.73 -13.26
C PRO B 132 -16.49 -5.91 -12.07
N ALA B 133 -15.25 -6.35 -12.33
CA ALA B 133 -14.21 -6.43 -11.31
C ALA B 133 -13.03 -5.61 -11.80
N VAL B 134 -12.47 -4.75 -10.96
CA VAL B 134 -11.47 -3.81 -11.44
C VAL B 134 -10.21 -4.01 -10.62
N TYR B 135 -9.04 -3.83 -11.23
CA TYR B 135 -7.80 -3.84 -10.47
C TYR B 135 -6.88 -2.81 -11.10
N VAL B 136 -5.80 -2.43 -10.42
CA VAL B 136 -4.78 -1.59 -11.06
C VAL B 136 -3.55 -2.42 -11.44
N ASN B 137 -3.01 -2.16 -12.65
CA ASN B 137 -1.76 -2.75 -13.08
C ASN B 137 -0.61 -2.03 -12.37
N THR B 138 0.60 -2.59 -12.54
CA THR B 138 1.78 -2.05 -11.88
C THR B 138 2.21 -0.74 -12.51
N ASP B 139 1.68 -0.45 -13.69
CA ASP B 139 2.05 0.79 -14.35
C ASP B 139 0.97 1.84 -14.11
N GLY B 140 0.02 1.54 -13.22
CA GLY B 140 -0.97 2.52 -12.80
C GLY B 140 -2.22 2.51 -13.67
N ARG B 141 -2.30 1.60 -14.62
CA ARG B 141 -3.42 1.50 -15.54
C ARG B 141 -4.49 0.59 -14.96
N LEU B 142 -5.68 1.14 -14.69
CA LEU B 142 -6.84 0.32 -14.33
C LEU B 142 -7.17 -0.67 -15.43
N GLU B 143 -7.67 -1.83 -15.01
CA GLU B 143 -8.09 -2.89 -15.90
C GLU B 143 -9.37 -3.50 -15.33
N VAL B 144 -10.37 -3.69 -16.20
CA VAL B 144 -11.71 -4.14 -15.84
C VAL B 144 -12.00 -5.49 -16.48
N PHE B 145 -12.60 -6.38 -15.68
CA PHE B 145 -12.87 -7.76 -16.06
C PHE B 145 -14.35 -8.03 -15.92
N VAL B 146 -14.95 -8.59 -16.98
CA VAL B 146 -16.37 -8.87 -16.97
C VAL B 146 -16.67 -10.24 -17.55
N ARG B 147 -17.83 -10.76 -17.17
CA ARG B 147 -18.45 -11.81 -17.94
C ARG B 147 -19.19 -11.17 -19.11
N GLY B 148 -18.86 -11.60 -20.31
CA GLY B 148 -19.54 -11.13 -21.52
C GLY B 148 -20.87 -11.86 -21.73
N SER B 149 -21.69 -11.32 -22.64
CA SER B 149 -22.94 -11.94 -23.06
C SER B 149 -22.70 -13.34 -23.61
N ASP B 150 -21.48 -13.61 -24.12
CA ASP B 150 -21.10 -14.92 -24.62
C ASP B 150 -20.49 -15.83 -23.53
N ASN B 151 -20.61 -15.44 -22.25
CA ASN B 151 -20.09 -16.16 -21.09
C ASN B 151 -18.57 -16.30 -21.08
N ALA B 152 -17.86 -15.57 -21.94
CA ALA B 152 -16.42 -15.54 -21.88
C ALA B 152 -15.97 -14.42 -20.95
N LEU B 153 -14.72 -14.48 -20.51
CA LEU B 153 -14.12 -13.40 -19.75
C LEU B 153 -13.60 -12.33 -20.71
N TRP B 154 -14.05 -11.09 -20.52
CA TRP B 154 -13.52 -9.98 -21.30
C TRP B 154 -12.88 -8.93 -20.40
N HIS B 155 -12.00 -8.12 -21.02
CA HIS B 155 -11.27 -7.10 -20.31
C HIS B 155 -10.97 -5.90 -21.20
N LEU B 156 -10.82 -4.78 -20.54
CA LEU B 156 -10.26 -3.59 -21.15
C LEU B 156 -9.60 -2.73 -20.08
N SER B 157 -8.72 -1.84 -20.56
CA SER B 157 -7.76 -1.19 -19.69
C SER B 157 -7.59 0.25 -20.17
N GLN B 158 -7.29 1.15 -19.23
CA GLN B 158 -6.76 2.49 -19.52
C GLN B 158 -5.48 2.37 -20.36
N THR B 159 -5.28 3.27 -21.32
CA THR B 159 -4.16 3.14 -22.25
C THR B 159 -2.91 3.74 -21.64
N ALA B 160 -3.08 4.69 -20.72
CA ALA B 160 -1.99 5.25 -19.96
C ALA B 160 -2.44 5.34 -18.50
N ALA B 161 -1.46 5.48 -17.61
CA ALA B 161 -1.73 5.51 -16.19
C ALA B 161 -2.87 6.47 -15.89
N HIS B 162 -3.87 5.93 -15.18
CA HIS B 162 -4.97 6.68 -14.59
C HIS B 162 -5.59 7.69 -15.56
N SER B 163 -5.86 7.30 -16.82
CA SER B 163 -6.46 8.25 -17.74
C SER B 163 -7.19 7.53 -18.88
N ASN B 164 -8.23 8.19 -19.39
CA ASN B 164 -8.78 7.85 -20.70
C ASN B 164 -7.71 8.07 -21.79
N PRO B 165 -7.83 7.51 -23.01
CA PRO B 165 -8.88 6.58 -23.38
C PRO B 165 -8.57 5.17 -22.92
N TRP B 166 -9.53 4.30 -23.22
CA TRP B 166 -9.43 2.90 -22.89
C TRP B 166 -9.08 2.14 -24.16
N SER B 167 -8.56 0.93 -23.95
CA SER B 167 -8.28 0.01 -25.04
C SER B 167 -9.58 -0.51 -25.64
N SER B 168 -9.45 -1.19 -26.77
CA SER B 168 -10.49 -2.08 -27.27
C SER B 168 -10.88 -3.17 -26.26
N TRP B 169 -12.16 -3.61 -26.28
CA TRP B 169 -12.58 -4.81 -25.61
C TRP B 169 -11.84 -6.02 -26.14
N GLN B 170 -11.34 -6.87 -25.25
CA GLN B 170 -10.67 -8.09 -25.69
C GLN B 170 -11.16 -9.27 -24.87
N SER B 171 -11.28 -10.44 -25.52
CA SER B 171 -11.77 -11.65 -24.86
C SER B 171 -10.58 -12.47 -24.39
N LEU B 172 -10.68 -12.99 -23.16
CA LEU B 172 -9.73 -13.98 -22.69
C LEU B 172 -10.40 -15.34 -22.74
N ASN B 173 -11.56 -15.40 -23.39
CA ASN B 173 -12.25 -16.64 -23.68
C ASN B 173 -12.72 -17.28 -22.37
N GLY B 174 -12.77 -18.62 -22.35
CA GLY B 174 -13.35 -19.37 -21.26
C GLY B 174 -14.87 -19.38 -21.28
N ASN B 175 -15.45 -20.04 -20.26
CA ASN B 175 -16.89 -20.14 -20.15
C ASN B 175 -17.23 -20.07 -18.68
N ILE B 176 -17.87 -18.97 -18.26
CA ILE B 176 -17.95 -18.66 -16.84
C ILE B 176 -19.39 -18.37 -16.42
N ILE B 177 -19.62 -18.57 -15.12
CA ILE B 177 -20.86 -18.29 -14.39
C ILE B 177 -20.62 -17.19 -13.35
N GLY B 178 -21.64 -16.41 -12.96
CA GLY B 178 -21.43 -15.38 -11.95
C GLY B 178 -20.30 -14.37 -12.26
N ASN B 179 -19.68 -13.82 -11.21
CA ASN B 179 -18.79 -12.65 -11.33
C ASN B 179 -17.33 -13.06 -11.21
N PRO B 180 -16.39 -12.49 -12.00
CA PRO B 180 -14.97 -12.75 -11.77
C PRO B 180 -14.41 -11.99 -10.57
N ALA B 181 -13.23 -12.45 -10.09
CA ALA B 181 -12.46 -11.79 -9.04
C ALA B 181 -11.02 -11.66 -9.54
N VAL B 182 -10.38 -10.54 -9.23
CA VAL B 182 -9.04 -10.30 -9.74
C VAL B 182 -8.15 -9.90 -8.58
N HIS B 183 -6.89 -10.32 -8.62
CA HIS B 183 -5.90 -9.82 -7.68
C HIS B 183 -4.57 -9.66 -8.39
N ILE B 184 -3.63 -8.95 -7.74
CA ILE B 184 -2.27 -8.89 -8.27
C ILE B 184 -1.38 -9.83 -7.48
N ASN B 185 -0.46 -10.48 -8.19
CA ASN B 185 0.49 -11.38 -7.57
C ASN B 185 1.62 -10.54 -6.97
N SER B 186 2.47 -11.20 -6.17
CA SER B 186 3.58 -10.48 -5.56
C SER B 186 4.71 -10.27 -6.56
N ASP B 187 4.50 -10.55 -7.86
CA ASP B 187 5.47 -10.18 -8.89
C ASP B 187 4.78 -9.23 -9.88
N GLY B 188 3.62 -8.66 -9.50
CA GLY B 188 2.92 -7.65 -10.29
C GLY B 188 2.04 -8.19 -11.42
N ARG B 189 1.87 -9.50 -11.57
CA ARG B 189 1.01 -10.07 -12.60
C ARG B 189 -0.44 -10.14 -12.09
N LEU B 190 -1.39 -9.59 -12.86
CA LEU B 190 -2.80 -9.80 -12.56
C LEU B 190 -3.17 -11.26 -12.74
N GLU B 191 -4.12 -11.70 -11.90
CA GLU B 191 -4.59 -13.06 -11.93
C GLU B 191 -6.08 -13.02 -11.60
N VAL B 192 -6.87 -13.68 -12.45
CA VAL B 192 -8.33 -13.65 -12.38
C VAL B 192 -8.86 -15.04 -12.05
N PHE B 193 -9.90 -15.07 -11.23
CA PHE B 193 -10.54 -16.27 -10.73
C PHE B 193 -12.04 -16.24 -11.04
N VAL B 194 -12.61 -17.36 -11.53
CA VAL B 194 -14.02 -17.41 -11.95
C VAL B 194 -14.58 -18.77 -11.59
N ARG B 195 -15.90 -18.83 -11.45
CA ARG B 195 -16.61 -20.09 -11.50
C ARG B 195 -16.80 -20.46 -12.96
N GLY B 196 -16.18 -21.56 -13.40
CA GLY B 196 -16.42 -22.07 -14.74
C GLY B 196 -17.79 -22.72 -14.84
N SER B 197 -18.19 -23.07 -16.08
CA SER B 197 -19.48 -23.68 -16.29
C SER B 197 -19.50 -25.14 -15.80
N ASP B 198 -18.35 -25.74 -15.53
CA ASP B 198 -18.28 -27.04 -14.87
C ASP B 198 -18.34 -26.90 -13.34
N ASN B 199 -18.50 -25.67 -12.83
CA ASN B 199 -18.57 -25.32 -11.41
C ASN B 199 -17.24 -25.54 -10.67
N ALA B 200 -16.16 -25.77 -11.38
CA ALA B 200 -14.83 -25.70 -10.79
C ALA B 200 -14.36 -24.24 -10.72
N LEU B 201 -13.33 -24.03 -9.93
CA LEU B 201 -12.64 -22.75 -9.93
C LEU B 201 -11.56 -22.78 -11.00
N TRP B 202 -11.54 -21.75 -11.85
CA TRP B 202 -10.55 -21.55 -12.89
C TRP B 202 -9.79 -20.25 -12.68
N HIS B 203 -8.56 -20.23 -13.18
CA HIS B 203 -7.77 -19.01 -13.15
C HIS B 203 -6.96 -18.86 -14.42
N ILE B 204 -6.55 -17.61 -14.65
CA ILE B 204 -5.79 -17.16 -15.81
C ILE B 204 -5.00 -15.95 -15.32
N SER B 205 -3.75 -15.80 -15.75
CA SER B 205 -2.88 -14.75 -15.25
C SER B 205 -2.12 -14.12 -16.41
N GLN B 206 -1.72 -12.85 -16.21
CA GLN B 206 -0.75 -12.19 -17.06
C GLN B 206 0.56 -12.97 -17.04
N THR B 207 1.24 -13.03 -18.18
CA THR B 207 2.48 -13.79 -18.26
C THR B 207 3.62 -12.93 -17.77
N ALA B 208 3.40 -11.61 -17.78
CA ALA B 208 4.37 -10.66 -17.26
C ALA B 208 3.62 -9.43 -16.71
N PRO B 209 4.22 -8.66 -15.78
CA PRO B 209 3.53 -7.47 -15.24
C PRO B 209 3.07 -6.58 -16.39
N ASP B 210 1.79 -6.11 -16.35
CA ASP B 210 1.26 -5.16 -17.31
C ASP B 210 1.03 -5.78 -18.69
N SER B 211 1.25 -7.10 -18.83
CA SER B 211 1.19 -7.75 -20.13
C SER B 211 -0.24 -7.79 -20.63
N ASN B 212 -0.36 -8.00 -21.94
CA ASN B 212 -1.65 -8.26 -22.54
C ASN B 212 -1.68 -9.71 -22.99
N LEU B 213 -0.53 -10.40 -22.80
CA LEU B 213 -0.44 -11.84 -23.03
C LEU B 213 -0.77 -12.58 -21.73
N TRP B 214 -1.83 -13.38 -21.76
CA TRP B 214 -2.22 -14.15 -20.59
C TRP B 214 -1.83 -15.61 -20.81
N SER B 215 -1.75 -16.35 -19.71
CA SER B 215 -1.54 -17.79 -19.71
C SER B 215 -2.76 -18.48 -20.27
N ASN B 216 -2.72 -19.81 -20.42
CA ASN B 216 -3.96 -20.53 -20.67
C ASN B 216 -4.81 -20.59 -19.41
N TRP B 217 -6.11 -20.85 -19.60
CA TRP B 217 -7.01 -21.22 -18.52
C TRP B 217 -6.53 -22.48 -17.82
N GLU B 218 -6.62 -22.50 -16.49
CA GLU B 218 -6.35 -23.72 -15.73
C GLU B 218 -7.42 -23.89 -14.66
N SER B 219 -7.78 -25.15 -14.40
CA SER B 219 -8.76 -25.50 -13.39
C SER B 219 -8.05 -25.73 -12.06
N LEU B 220 -8.68 -25.26 -10.97
CA LEU B 220 -8.25 -25.66 -9.65
C LEU B 220 -9.28 -26.62 -9.05
N ASN B 221 -10.18 -27.16 -9.90
CA ASN B 221 -11.17 -28.15 -9.51
C ASN B 221 -12.12 -27.55 -8.48
N GLY B 222 -12.69 -28.41 -7.61
CA GLY B 222 -13.72 -28.04 -6.67
C GLY B 222 -15.11 -28.05 -7.30
N SER B 223 -16.11 -27.82 -6.47
CA SER B 223 -17.46 -27.65 -6.93
C SER B 223 -18.04 -26.51 -6.14
N ILE B 224 -18.15 -25.34 -6.79
CA ILE B 224 -18.47 -24.12 -6.06
C ILE B 224 -19.81 -23.58 -6.52
N SER B 225 -20.42 -22.79 -5.63
CA SER B 225 -21.73 -22.21 -5.85
C SER B 225 -21.76 -20.77 -5.30
N SER B 226 -20.59 -20.12 -5.27
CA SER B 226 -20.54 -18.67 -5.11
C SER B 226 -19.52 -18.11 -6.09
N ASP B 227 -19.49 -16.78 -6.13
CA ASP B 227 -18.36 -16.02 -6.63
C ASP B 227 -17.17 -16.33 -5.73
N PRO B 228 -15.95 -16.44 -6.27
CA PRO B 228 -14.75 -16.58 -5.46
C PRO B 228 -14.28 -15.22 -4.93
N ALA B 229 -13.63 -15.24 -3.76
CA ALA B 229 -12.91 -14.10 -3.19
C ALA B 229 -11.44 -14.46 -3.07
N VAL B 230 -10.58 -13.53 -3.49
CA VAL B 230 -9.14 -13.75 -3.49
C VAL B 230 -8.48 -12.65 -2.68
N ILE B 231 -7.45 -13.03 -1.92
CA ILE B 231 -6.62 -12.07 -1.21
C ILE B 231 -5.16 -12.50 -1.32
N GLY B 232 -4.25 -11.54 -1.15
CA GLY B 232 -2.83 -11.81 -1.05
C GLY B 232 -2.41 -11.86 0.40
N THR B 233 -1.77 -12.97 0.80
CA THR B 233 -1.31 -13.14 2.17
C THR B 233 -0.09 -12.25 2.40
N VAL B 234 0.32 -12.10 3.65
CA VAL B 234 1.47 -11.23 3.87
C VAL B 234 2.76 -11.88 3.39
N ASP B 235 2.82 -13.22 3.28
CA ASP B 235 4.02 -13.83 2.75
C ASP B 235 3.93 -13.99 1.24
N GLY B 236 2.97 -13.30 0.60
CA GLY B 236 3.00 -13.07 -0.83
C GLY B 236 2.24 -14.12 -1.62
N ARG B 237 1.47 -14.99 -0.94
CA ARG B 237 0.77 -16.05 -1.63
C ARG B 237 -0.71 -15.68 -1.79
N LEU B 238 -1.27 -15.92 -2.96
CA LEU B 238 -2.70 -15.75 -3.14
C LEU B 238 -3.46 -16.89 -2.47
N GLU B 239 -4.64 -16.56 -1.97
CA GLU B 239 -5.48 -17.51 -1.24
C GLU B 239 -6.92 -17.18 -1.64
N VAL B 240 -7.65 -18.23 -2.05
CA VAL B 240 -9.00 -18.06 -2.57
C VAL B 240 -9.99 -18.71 -1.62
N PHE B 241 -11.14 -18.04 -1.45
CA PHE B 241 -12.25 -18.47 -0.63
C PHE B 241 -13.52 -18.61 -1.47
N VAL B 242 -14.30 -19.70 -1.26
CA VAL B 242 -15.51 -19.97 -2.05
C VAL B 242 -16.55 -20.66 -1.17
N ARG B 243 -17.81 -20.50 -1.53
CA ARG B 243 -18.86 -21.36 -1.01
C ARG B 243 -18.84 -22.64 -1.84
N GLY B 244 -18.70 -23.79 -1.17
CA GLY B 244 -18.81 -25.06 -1.86
C GLY B 244 -20.26 -25.50 -2.04
N SER B 245 -20.43 -26.56 -2.84
CA SER B 245 -21.78 -27.08 -3.10
C SER B 245 -22.41 -27.63 -1.82
N ASP B 246 -21.60 -27.86 -0.79
CA ASP B 246 -22.11 -28.29 0.51
C ASP B 246 -22.44 -27.12 1.42
N ASN B 247 -22.27 -25.88 0.91
CA ASN B 247 -22.52 -24.64 1.63
C ASN B 247 -21.50 -24.41 2.75
N ALA B 248 -20.38 -25.13 2.73
CA ALA B 248 -19.29 -24.75 3.62
C ALA B 248 -18.42 -23.71 2.93
N LEU B 249 -17.61 -23.03 3.74
CA LEU B 249 -16.55 -22.19 3.23
C LEU B 249 -15.30 -23.05 3.00
N TRP B 250 -14.78 -22.99 1.78
CA TRP B 250 -13.59 -23.68 1.32
C TRP B 250 -12.49 -22.70 0.90
N HIS B 251 -11.21 -23.09 1.06
CA HIS B 251 -10.09 -22.25 0.61
C HIS B 251 -8.99 -23.13 0.01
N ASN B 252 -8.16 -22.47 -0.76
CA ASN B 252 -7.08 -23.04 -1.55
C ASN B 252 -6.04 -21.94 -1.71
N TRP B 253 -4.76 -22.28 -1.74
CA TRP B 253 -3.73 -21.25 -1.73
C TRP B 253 -2.57 -21.65 -2.62
N GLN B 254 -1.92 -20.64 -3.21
CA GLN B 254 -0.59 -20.84 -3.75
C GLN B 254 0.34 -21.35 -2.66
N THR B 255 1.17 -22.35 -2.99
CA THR B 255 2.05 -22.95 -1.99
C THR B 255 3.41 -22.26 -1.98
N VAL B 256 3.66 -21.43 -2.99
CA VAL B 256 4.86 -20.63 -3.06
C VAL B 256 4.43 -19.23 -3.51
N PRO B 257 5.18 -18.14 -3.22
CA PRO B 257 4.83 -16.82 -3.76
C PRO B 257 4.71 -16.86 -5.28
N HIS B 258 3.53 -16.45 -5.74
CA HIS B 258 3.22 -16.05 -7.12
C HIS B 258 3.29 -17.24 -8.07
N SER B 259 3.00 -18.42 -7.54
CA SER B 259 3.19 -19.61 -8.34
C SER B 259 2.31 -20.76 -7.87
N GLY B 260 1.85 -21.55 -8.86
CA GLY B 260 1.49 -22.94 -8.64
C GLY B 260 2.67 -23.72 -8.07
N PRO B 261 2.45 -24.97 -7.61
CA PRO B 261 1.12 -25.56 -7.59
C PRO B 261 0.37 -25.03 -6.36
N TRP B 262 -0.94 -25.17 -6.42
CA TRP B 262 -1.78 -24.75 -5.34
C TRP B 262 -1.88 -25.86 -4.30
N SER B 263 -2.32 -25.51 -3.08
CA SER B 263 -2.52 -26.44 -1.99
C SER B 263 -3.56 -27.51 -2.33
N GLY B 264 -4.54 -27.16 -3.16
CA GLY B 264 -5.75 -27.96 -3.16
C GLY B 264 -6.68 -27.65 -1.98
N TRP B 265 -7.93 -28.07 -2.13
CA TRP B 265 -9.03 -27.51 -1.37
C TRP B 265 -9.08 -28.01 0.07
N VAL B 266 -9.31 -27.09 1.00
CA VAL B 266 -9.52 -27.45 2.38
C VAL B 266 -10.80 -26.76 2.86
N SER B 267 -11.57 -27.44 3.71
CA SER B 267 -12.81 -26.86 4.18
C SER B 267 -12.54 -26.15 5.50
N LEU B 268 -13.20 -24.99 5.65
CA LEU B 268 -13.32 -24.31 6.94
C LEU B 268 -14.72 -24.45 7.51
N ASN B 269 -15.53 -25.37 6.95
CA ASN B 269 -16.82 -25.77 7.49
C ASN B 269 -17.75 -24.56 7.46
N GLY B 270 -18.73 -24.55 8.37
CA GLY B 270 -19.78 -23.55 8.39
C GLY B 270 -20.89 -23.91 7.40
N ASN B 271 -21.94 -23.09 7.46
CA ASN B 271 -23.13 -23.21 6.65
C ASN B 271 -23.52 -21.81 6.19
N ILE B 272 -23.17 -21.47 4.95
CA ILE B 272 -23.18 -20.10 4.47
C ILE B 272 -24.06 -20.04 3.23
N ILE B 273 -24.62 -18.85 3.00
CA ILE B 273 -25.55 -18.63 1.89
C ILE B 273 -25.13 -17.45 1.00
N SER B 274 -23.97 -16.84 1.26
CA SER B 274 -23.45 -15.79 0.41
C SER B 274 -22.07 -16.14 -0.16
N ALA B 275 -21.59 -15.31 -1.09
CA ALA B 275 -20.16 -15.24 -1.36
C ALA B 275 -19.43 -14.84 -0.06
N PRO B 276 -18.22 -15.38 0.21
CA PRO B 276 -17.40 -14.87 1.30
C PRO B 276 -16.71 -13.60 0.88
N THR B 277 -16.32 -12.80 1.87
CA THR B 277 -15.40 -11.72 1.65
C THR B 277 -14.26 -11.82 2.67
N VAL B 278 -13.07 -11.41 2.27
CA VAL B 278 -11.92 -11.63 3.13
C VAL B 278 -11.07 -10.37 3.22
N ALA B 279 -10.44 -10.10 4.38
CA ALA B 279 -9.49 -8.99 4.48
C ALA B 279 -8.36 -9.39 5.41
N ARG B 280 -7.29 -8.60 5.39
CA ARG B 280 -6.16 -8.81 6.29
C ARG B 280 -6.27 -7.87 7.48
N ASN B 281 -6.14 -8.42 8.67
CA ASN B 281 -6.07 -7.59 9.88
C ASN B 281 -4.77 -6.79 9.90
N TRP B 282 -4.65 -5.89 10.90
CA TRP B 282 -3.46 -5.08 11.14
C TRP B 282 -2.21 -5.95 11.29
N ASP B 283 -2.37 -7.15 11.87
CA ASP B 283 -1.24 -8.02 12.15
C ASP B 283 -1.16 -9.15 11.13
N ASN B 284 -1.89 -8.97 10.02
CA ASN B 284 -1.96 -9.73 8.78
C ASN B 284 -2.58 -11.13 8.92
N ARG B 285 -3.34 -11.39 9.96
CA ARG B 285 -4.19 -12.55 10.00
C ARG B 285 -5.35 -12.32 9.03
N LEU B 286 -5.60 -13.26 8.10
CA LEU B 286 -6.76 -13.18 7.23
C LEU B 286 -8.03 -13.40 8.05
N GLU B 287 -9.11 -12.76 7.61
CA GLU B 287 -10.37 -12.87 8.33
C GLU B 287 -11.50 -12.85 7.29
N VAL B 288 -12.41 -13.83 7.37
CA VAL B 288 -13.42 -14.04 6.34
C VAL B 288 -14.78 -13.73 6.96
N PHE B 289 -15.66 -13.15 6.15
CA PHE B 289 -17.00 -12.76 6.58
C PHE B 289 -18.02 -13.37 5.62
N VAL B 290 -19.13 -13.92 6.18
CA VAL B 290 -20.17 -14.51 5.37
C VAL B 290 -21.54 -14.22 5.98
N CYS B 291 -22.55 -14.39 5.13
CA CYS B 291 -23.92 -14.54 5.59
C CYS B 291 -24.17 -16.01 5.94
N GLY B 292 -24.44 -16.28 7.22
CA GLY B 292 -24.80 -17.61 7.68
C GLY B 292 -26.20 -18.03 7.26
N ALA B 293 -26.53 -19.31 7.46
CA ALA B 293 -27.84 -19.82 7.11
C ALA B 293 -28.92 -19.22 7.98
N ASP B 294 -28.57 -18.64 9.13
CA ASP B 294 -29.51 -17.91 9.96
C ASP B 294 -29.56 -16.41 9.62
N ASN B 295 -29.04 -16.01 8.46
CA ASN B 295 -28.97 -14.61 8.01
C ASN B 295 -28.29 -13.70 9.02
N ALA B 296 -27.43 -14.23 9.87
CA ALA B 296 -26.51 -13.42 10.63
C ALA B 296 -25.18 -13.31 9.89
N LEU B 297 -24.44 -12.29 10.28
CA LEU B 297 -23.07 -12.12 9.86
C LEU B 297 -22.21 -13.05 10.70
N TRP B 298 -21.44 -13.93 10.06
CA TRP B 298 -20.47 -14.75 10.77
C TRP B 298 -19.04 -14.48 10.28
N HIS B 299 -18.06 -14.70 11.17
CA HIS B 299 -16.67 -14.56 10.79
C HIS B 299 -15.79 -15.66 11.39
N ILE B 300 -14.63 -15.83 10.74
CA ILE B 300 -13.61 -16.81 11.12
C ILE B 300 -12.25 -16.21 10.73
N TRP B 301 -11.19 -16.49 11.49
CA TRP B 301 -9.91 -15.84 11.24
C TRP B 301 -8.74 -16.78 11.53
N GLN B 302 -7.60 -16.50 10.89
CA GLN B 302 -6.32 -17.07 11.31
C GLN B 302 -6.00 -16.63 12.74
N THR B 303 -5.52 -17.57 13.58
CA THR B 303 -5.18 -17.23 14.95
C THR B 303 -3.67 -17.03 15.09
N VAL B 304 -3.30 -16.29 16.14
CA VAL B 304 -1.94 -16.21 16.71
C VAL B 304 -1.03 -15.41 15.77
N SER B 305 -0.97 -15.79 14.47
CA SER B 305 -0.23 -15.01 13.48
C SER B 305 -0.80 -15.26 12.08
N HIS B 306 -0.22 -14.52 11.11
CA HIS B 306 -0.46 -14.80 9.70
C HIS B 306 -0.07 -16.26 9.45
N SER B 307 -0.99 -17.06 8.91
CA SER B 307 -0.89 -18.51 8.80
C SER B 307 -0.72 -19.26 10.14
N GLY B 308 -1.36 -18.79 11.23
CA GLY B 308 -1.68 -19.67 12.36
C GLY B 308 -3.00 -20.42 12.09
N PRO B 309 -3.42 -21.41 12.93
CA PRO B 309 -4.60 -22.24 12.63
C PRO B 309 -5.89 -21.42 12.73
N TRP B 310 -6.96 -21.78 11.98
CA TRP B 310 -8.14 -20.94 11.98
C TRP B 310 -8.94 -21.09 13.28
N SER B 311 -9.61 -20.01 13.66
CA SER B 311 -10.48 -19.93 14.82
C SER B 311 -11.74 -20.76 14.62
N SER B 312 -12.52 -20.88 15.70
CA SER B 312 -13.90 -21.31 15.54
C SER B 312 -14.71 -20.23 14.79
N TRP B 313 -15.79 -20.62 14.10
CA TRP B 313 -16.81 -19.68 13.63
C TRP B 313 -17.43 -18.92 14.79
N ALA B 314 -17.68 -17.63 14.55
CA ALA B 314 -18.30 -16.72 15.51
C ALA B 314 -19.31 -15.83 14.79
N SER B 315 -20.45 -15.61 15.46
CA SER B 315 -21.52 -14.79 14.91
C SER B 315 -21.40 -13.35 15.42
N LEU B 316 -21.71 -12.40 14.52
CA LEU B 316 -21.81 -11.00 14.89
C LEU B 316 -23.25 -10.52 14.77
N ASN B 317 -24.17 -11.48 14.72
CA ASN B 317 -25.59 -11.22 14.80
C ASN B 317 -26.02 -10.45 13.57
N GLY B 318 -27.02 -9.58 13.75
CA GLY B 318 -27.63 -8.86 12.64
C GLY B 318 -28.58 -9.76 11.88
N ASN B 319 -29.27 -9.16 10.91
CA ASN B 319 -30.19 -9.87 10.05
C ASN B 319 -29.95 -9.24 8.68
N ILE B 320 -29.34 -10.02 7.78
CA ILE B 320 -28.75 -9.48 6.55
C ILE B 320 -29.25 -10.31 5.37
N ILE B 321 -29.31 -9.69 4.20
CA ILE B 321 -29.85 -10.32 3.01
C ILE B 321 -28.87 -10.19 1.86
N SER B 322 -27.61 -9.90 2.17
CA SER B 322 -26.54 -9.87 1.17
C SER B 322 -25.27 -10.52 1.72
N ALA B 323 -24.30 -10.76 0.82
CA ALA B 323 -22.91 -10.94 1.23
C ALA B 323 -22.41 -9.67 1.93
N PRO B 324 -21.52 -9.82 2.94
CA PRO B 324 -20.89 -8.68 3.58
C PRO B 324 -19.73 -8.17 2.72
N THR B 325 -19.41 -6.89 2.90
CA THR B 325 -18.25 -6.24 2.33
C THR B 325 -17.38 -5.69 3.46
N VAL B 326 -16.06 -5.92 3.41
CA VAL B 326 -15.20 -5.52 4.51
C VAL B 326 -14.09 -4.60 3.99
N ALA B 327 -13.66 -3.66 4.85
CA ALA B 327 -12.58 -2.73 4.58
C ALA B 327 -11.82 -2.48 5.87
N GLN B 328 -10.57 -2.01 5.76
CA GLN B 328 -9.83 -1.60 6.94
C GLN B 328 -9.85 -0.08 7.01
N ASP B 329 -10.18 0.47 8.16
CA ASP B 329 -10.22 1.93 8.24
C ASP B 329 -8.83 2.44 8.61
N ALA B 330 -8.78 3.78 8.74
CA ALA B 330 -7.61 4.54 9.08
C ALA B 330 -7.04 4.14 10.44
N ASP B 331 -7.86 3.60 11.36
CA ASP B 331 -7.41 3.21 12.69
C ASP B 331 -6.86 1.79 12.67
N GLY B 332 -6.74 1.16 11.49
CA GLY B 332 -6.33 -0.22 11.40
C GLY B 332 -7.41 -1.23 11.81
N LEU B 333 -8.67 -0.80 11.90
CA LEU B 333 -9.80 -1.61 12.35
C LEU B 333 -10.71 -2.04 11.20
N LEU B 334 -11.09 -3.33 11.19
CA LEU B 334 -11.94 -3.85 10.12
C LEU B 334 -13.35 -3.29 10.31
N GLU B 335 -14.01 -3.04 9.18
CA GLU B 335 -15.35 -2.46 9.18
C GLU B 335 -16.13 -3.24 8.12
N VAL B 336 -17.34 -3.70 8.46
CA VAL B 336 -18.13 -4.53 7.58
C VAL B 336 -19.46 -3.85 7.27
N PHE B 337 -19.85 -3.95 6.00
CA PHE B 337 -21.08 -3.38 5.45
C PHE B 337 -21.96 -4.49 4.89
N VAL B 338 -23.28 -4.41 5.18
CA VAL B 338 -24.25 -5.39 4.73
C VAL B 338 -25.58 -4.69 4.46
N LEU B 339 -26.35 -5.30 3.57
CA LEU B 339 -27.74 -4.95 3.39
C LEU B 339 -28.57 -5.65 4.46
N GLY B 340 -29.23 -4.85 5.29
CA GLY B 340 -30.11 -5.37 6.33
C GLY B 340 -31.48 -5.76 5.76
N SER B 341 -32.28 -6.45 6.59
CA SER B 341 -33.62 -6.85 6.21
C SER B 341 -34.48 -5.62 5.90
N ASP B 342 -34.19 -4.48 6.55
CA ASP B 342 -34.91 -3.25 6.32
C ASP B 342 -34.47 -2.57 5.02
N HIS B 343 -33.54 -3.19 4.26
CA HIS B 343 -32.97 -2.65 3.04
C HIS B 343 -32.22 -1.34 3.26
N ALA B 344 -31.86 -1.02 4.51
CA ALA B 344 -30.82 -0.07 4.80
C ALA B 344 -29.44 -0.74 4.74
N LEU B 345 -28.41 0.08 4.59
CA LEU B 345 -27.06 -0.43 4.73
C LEU B 345 -26.66 -0.34 6.20
N TRP B 346 -26.11 -1.44 6.72
CA TRP B 346 -25.65 -1.48 8.09
C TRP B 346 -24.14 -1.69 8.12
N ASN B 347 -23.53 -1.25 9.23
CA ASN B 347 -22.11 -1.38 9.44
C ASN B 347 -21.87 -1.81 10.89
N ILE B 348 -20.77 -2.54 11.10
CA ILE B 348 -20.28 -2.99 12.40
C ILE B 348 -18.75 -3.03 12.29
N ARG B 349 -18.03 -2.75 13.38
CA ARG B 349 -16.59 -2.64 13.26
C ARG B 349 -15.87 -3.14 14.50
N GLN B 350 -14.64 -3.62 14.27
CA GLN B 350 -13.68 -3.89 15.34
C GLN B 350 -13.54 -2.63 16.19
N THR B 351 -13.30 -2.77 17.50
CA THR B 351 -13.10 -1.59 18.34
C THR B 351 -11.64 -1.48 18.81
N SER B 355 -13.59 -7.31 20.70
CA SER B 355 -15.02 -6.92 20.87
C SER B 355 -15.45 -5.98 19.76
N TRP B 356 -16.47 -6.38 19.00
CA TRP B 356 -16.97 -5.56 17.91
C TRP B 356 -17.96 -4.52 18.41
N SER B 357 -18.15 -3.47 17.61
CA SER B 357 -19.08 -2.41 17.94
C SER B 357 -20.50 -2.93 17.87
N PRO B 358 -21.49 -2.20 18.43
CA PRO B 358 -22.89 -2.46 18.11
C PRO B 358 -23.08 -2.21 16.63
N TRP B 359 -24.10 -2.87 16.05
CA TRP B 359 -24.59 -2.58 14.70
C TRP B 359 -25.01 -1.12 14.61
N LEU B 360 -24.80 -0.50 13.44
CA LEU B 360 -25.16 0.90 13.23
C LEU B 360 -25.78 0.99 11.84
N SER B 361 -26.95 1.65 11.73
CA SER B 361 -27.59 1.78 10.44
C SER B 361 -27.00 2.97 9.71
N LEU B 362 -26.67 2.81 8.43
CA LEU B 362 -26.36 3.98 7.61
C LEU B 362 -27.58 4.37 6.76
N ASN B 363 -28.77 3.80 7.06
CA ASN B 363 -30.02 4.16 6.41
C ASN B 363 -29.95 3.89 4.92
N GLY B 364 -30.70 4.68 4.12
CA GLY B 364 -30.83 4.49 2.69
C GLY B 364 -31.85 3.39 2.36
N SER B 365 -32.16 3.25 1.06
CA SER B 365 -32.91 2.13 0.52
C SER B 365 -32.18 1.51 -0.68
N LEU B 366 -31.54 0.35 -0.44
CA LEU B 366 -30.62 -0.30 -1.35
C LEU B 366 -31.17 -1.63 -1.86
N ILE B 367 -30.65 -2.08 -3.00
CA ILE B 367 -31.08 -3.31 -3.66
C ILE B 367 -29.88 -4.12 -4.17
N SER B 368 -30.11 -5.42 -4.35
CA SER B 368 -29.19 -6.31 -5.07
C SER B 368 -29.67 -6.44 -6.51
N THR B 369 -28.77 -6.85 -7.40
CA THR B 369 -29.10 -7.03 -8.81
C THR B 369 -28.95 -8.51 -9.20
#